data_3JZL
#
_entry.id   3JZL
#
_cell.length_a   54.407
_cell.length_b   153.173
_cell.length_c   183.990
_cell.angle_alpha   90.000
_cell.angle_beta   90.000
_cell.angle_gamma   90.000
#
_symmetry.space_group_name_H-M   'C 2 2 21'
#
loop_
_entity.id
_entity.type
_entity.pdbx_description
1 polymer 'Putative cystathionine beta-lyase involved in aluminum resistance'
2 non-polymer GLYCEROL
3 non-polymer DI(HYDROXYETHYL)ETHER
4 water water
#
_entity_poly.entity_id   1
_entity_poly.type   'polypeptide(L)'
_entity_poly.pdbx_seq_one_letter_code
;G(MSE)NNIQAIRKKVETQIDDLQNKTDEIAEFNQAKVLDAFQENKVSDFHFHPSTGYGYDDEGRDTLERVYATVFKTEA
ALVRPQIISGTHAISTVLFGILRPDDELLYITGQPYDTLEEIVGIRKQGQGSLKDFHIGYSSVPLLENGDVDFPRIAKK
(MSE)TPKTK(MSE)IGIQRSRGYADRPSFTIEKIKE(MSE)IVFVKNINPEVIVFVDNCYGEFVEYQEPPEVGADIIAG
SLI(LLP)NPGGGLAKTGGYIAGKEALVDLCGYRLTTPGIGREAGASLYSLLE(MSE)YQGFFLAPHVTAQAIKGARFTA
A(MSE)LAEFGVEADPVWDAPRTDLIQSVSFHNKEK(MSE)VAFAQAIQAASPVNAHVLPIGAY(MSE)PGYEDDVI
(MSE)AAGTFIQGASLELTADGPIREPYQLYVQGGLTYEHIKIAVTRAIQKIV
;
_entity_poly.pdbx_strand_id   A,B
#
# COMPACT_ATOMS: atom_id res chain seq x y z
N ILE A 5 3.98 -24.32 13.58
CA ILE A 5 4.87 -25.11 12.71
C ILE A 5 4.44 -24.87 11.25
N GLN A 6 5.38 -25.08 10.35
CA GLN A 6 5.16 -24.95 8.93
C GLN A 6 4.14 -25.98 8.43
N ALA A 7 4.08 -27.15 9.06
CA ALA A 7 3.17 -28.22 8.67
C ALA A 7 1.71 -27.86 8.92
N ILE A 8 1.46 -27.20 10.06
CA ILE A 8 0.14 -26.75 10.44
C ILE A 8 -0.30 -25.65 9.47
N ARG A 9 0.65 -24.79 9.11
CA ARG A 9 0.38 -23.75 8.14
C ARG A 9 0.04 -24.32 6.79
N LYS A 10 0.73 -25.40 6.38
CA LYS A 10 0.42 -26.07 5.10
C LYS A 10 -1.04 -26.53 5.09
N LYS A 11 -1.47 -27.11 6.21
CA LYS A 11 -2.85 -27.58 6.37
C LYS A 11 -3.87 -26.45 6.36
N VAL A 12 -3.63 -25.44 7.18
CA VAL A 12 -4.57 -24.32 7.26
C VAL A 12 -4.64 -23.49 5.98
N GLU A 13 -3.50 -23.20 5.37
CA GLU A 13 -3.51 -22.38 4.15
C GLU A 13 -4.20 -23.07 2.97
N THR A 14 -4.04 -24.38 2.86
CA THR A 14 -4.72 -25.13 1.79
C THR A 14 -6.23 -25.22 2.12
N GLN A 15 -6.52 -25.49 3.40
CA GLN A 15 -7.89 -25.51 3.90
C GLN A 15 -8.67 -24.23 3.56
N ILE A 16 -8.06 -23.06 3.80
CA ILE A 16 -8.78 -21.78 3.59
C ILE A 16 -8.63 -21.15 2.19
N ASP A 17 -7.88 -21.81 1.32
CA ASP A 17 -7.52 -21.27 0.02
C ASP A 17 -8.70 -20.93 -0.86
N ASP A 18 -9.72 -21.78 -0.91
CA ASP A 18 -10.91 -21.49 -1.73
C ASP A 18 -11.56 -20.17 -1.27
N LEU A 19 -11.66 -19.96 0.04
CA LEU A 19 -12.24 -18.72 0.53
C LEU A 19 -11.31 -17.52 0.31
N GLN A 20 -9.99 -17.68 0.44
CA GLN A 20 -9.06 -16.57 0.17
C GLN A 20 -9.25 -16.15 -1.30
N ASN A 21 -9.49 -17.11 -2.17
CA ASN A 21 -9.74 -16.84 -3.60
C ASN A 21 -11.02 -16.06 -3.78
N LYS A 22 -12.08 -16.43 -3.05
CA LYS A 22 -13.34 -15.68 -3.07
C LYS A 22 -13.10 -14.21 -2.67
N THR A 23 -12.31 -14.00 -1.60
CA THR A 23 -11.95 -12.66 -1.14
C THR A 23 -11.22 -11.86 -2.24
N ASP A 24 -10.30 -12.51 -2.95
CA ASP A 24 -9.58 -11.87 -4.05
C ASP A 24 -10.51 -11.51 -5.25
N GLU A 25 -11.54 -12.32 -5.49
CA GLU A 25 -12.55 -12.02 -6.54
C GLU A 25 -13.32 -10.74 -6.19
N ILE A 26 -13.61 -10.56 -4.91
CA ILE A 26 -14.28 -9.36 -4.41
C ILE A 26 -13.34 -8.17 -4.52
N ALA A 27 -12.07 -8.38 -4.18
CA ALA A 27 -11.07 -7.36 -4.28
C ALA A 27 -10.94 -6.86 -5.72
N GLU A 28 -10.96 -7.77 -6.68
CA GLU A 28 -10.86 -7.36 -8.10
C GLU A 28 -12.11 -6.61 -8.54
N PHE A 29 -13.29 -7.08 -8.14
CA PHE A 29 -14.53 -6.39 -8.46
C PHE A 29 -14.52 -4.96 -7.87
N ASN A 30 -14.09 -4.85 -6.60
CA ASN A 30 -14.01 -3.58 -5.88
C ASN A 30 -12.88 -2.68 -6.38
N GLN A 31 -11.78 -3.26 -6.85
CA GLN A 31 -10.72 -2.50 -7.48
C GLN A 31 -11.26 -1.88 -8.78
N ALA A 32 -11.99 -2.66 -9.57
CA ALA A 32 -12.58 -2.15 -10.85
C ALA A 32 -13.59 -1.03 -10.64
N LYS A 33 -14.40 -1.19 -9.60
CA LYS A 33 -15.41 -0.20 -9.21
C LYS A 33 -14.78 1.13 -8.91
N VAL A 34 -13.73 1.09 -8.08
CA VAL A 34 -13.02 2.28 -7.77
C VAL A 34 -12.27 2.84 -8.98
N LEU A 35 -11.57 1.99 -9.72
CA LEU A 35 -10.82 2.40 -10.91
C LEU A 35 -11.79 3.11 -11.88
N ASP A 36 -12.98 2.56 -12.06
CA ASP A 36 -13.99 3.18 -12.99
C ASP A 36 -14.59 4.49 -12.43
N ALA A 37 -14.62 4.65 -11.11
CA ALA A 37 -15.08 5.88 -10.45
C ALA A 37 -14.03 6.97 -10.69
N PHE A 38 -12.74 6.62 -10.68
CA PHE A 38 -11.70 7.59 -10.98
C PHE A 38 -11.85 8.08 -12.43
N GLN A 39 -12.01 7.11 -13.33
CA GLN A 39 -12.16 7.40 -14.76
C GLN A 39 -13.44 8.19 -15.08
N GLU A 40 -14.57 7.86 -14.44
CA GLU A 40 -15.82 8.60 -14.64
C GLU A 40 -15.68 10.07 -14.21
N ASN A 41 -14.90 10.30 -13.15
CA ASN A 41 -14.70 11.66 -12.65
C ASN A 41 -13.49 12.35 -13.24
N LYS A 42 -12.82 11.71 -14.21
CA LYS A 42 -11.66 12.24 -14.93
C LYS A 42 -10.53 12.69 -14.03
N VAL A 43 -10.19 11.85 -13.05
CA VAL A 43 -9.14 12.18 -12.12
C VAL A 43 -7.83 12.43 -12.85
N SER A 44 -7.29 13.61 -12.58
CA SER A 44 -6.03 14.06 -13.17
CA SER A 44 -6.06 14.07 -13.17
C SER A 44 -5.10 14.44 -12.06
N ASP A 45 -3.83 14.63 -12.39
CA ASP A 45 -2.84 15.02 -11.36
C ASP A 45 -3.14 16.46 -10.86
N PHE A 46 -3.89 17.22 -11.66
CA PHE A 46 -4.42 18.52 -11.26
C PHE A 46 -5.24 18.45 -9.94
N HIS A 47 -5.90 17.32 -9.69
CA HIS A 47 -6.74 17.12 -8.50
C HIS A 47 -5.99 16.82 -7.18
N PHE A 48 -4.67 16.73 -7.26
CA PHE A 48 -3.87 16.46 -6.06
C PHE A 48 -3.29 17.75 -5.53
N HIS A 49 -3.47 18.86 -6.26
CA HIS A 49 -2.90 20.15 -5.83
C HIS A 49 -3.47 20.66 -4.51
N PRO A 50 -2.59 21.19 -3.62
CA PRO A 50 -3.09 21.78 -2.37
C PRO A 50 -3.90 23.06 -2.54
N SER A 51 -4.80 23.31 -1.59
CA SER A 51 -5.57 24.53 -1.49
C SER A 51 -5.22 25.08 -0.11
N THR A 52 -5.19 26.40 0.01
CA THR A 52 -4.88 27.08 1.26
C THR A 52 -6.02 28.02 1.58
N GLY A 53 -5.93 28.70 2.72
CA GLY A 53 -6.95 29.64 3.15
C GLY A 53 -8.33 29.03 3.29
N TYR A 54 -9.32 29.66 2.65
CA TYR A 54 -10.72 29.21 2.67
C TYR A 54 -10.98 27.90 1.92
N GLY A 55 -10.13 27.57 0.95
CA GLY A 55 -10.33 26.36 0.18
C GLY A 55 -11.50 26.45 -0.80
N TYR A 56 -11.89 27.66 -1.17
CA TYR A 56 -13.00 27.78 -2.13
C TYR A 56 -12.58 27.31 -3.50
N ASP A 57 -13.49 26.61 -4.14
CA ASP A 57 -13.32 26.09 -5.50
C ASP A 57 -12.15 25.14 -5.62
N ASP A 58 -11.97 24.32 -4.59
CA ASP A 58 -10.93 23.32 -4.58
C ASP A 58 -11.52 22.16 -5.38
N GLU A 59 -11.12 22.07 -6.64
CA GLU A 59 -11.61 21.03 -7.55
C GLU A 59 -11.09 19.64 -7.16
N GLY A 60 -9.89 19.60 -6.57
CA GLY A 60 -9.31 18.33 -6.11
C GLY A 60 -10.17 17.73 -5.03
N ARG A 61 -10.54 18.56 -4.06
CA ARG A 61 -11.39 18.18 -2.94
C ARG A 61 -12.77 17.76 -3.43
N ASP A 62 -13.38 18.58 -4.28
CA ASP A 62 -14.73 18.31 -4.80
C ASP A 62 -14.75 17.05 -5.67
N THR A 63 -13.69 16.82 -6.44
CA THR A 63 -13.57 15.63 -7.26
C THR A 63 -13.44 14.35 -6.40
N LEU A 64 -12.65 14.41 -5.32
CA LEU A 64 -12.48 13.22 -4.45
C LEU A 64 -13.83 12.82 -3.91
N GLU A 65 -14.61 13.81 -3.50
CA GLU A 65 -15.96 13.59 -2.99
C GLU A 65 -16.88 12.98 -4.04
N ARG A 66 -16.75 13.45 -5.30
CA ARG A 66 -17.54 12.84 -6.35
C ARG A 66 -17.11 11.38 -6.59
N VAL A 67 -15.79 11.10 -6.53
CA VAL A 67 -15.26 9.73 -6.63
C VAL A 67 -15.86 8.82 -5.53
N TYR A 68 -15.88 9.32 -4.30
CA TYR A 68 -16.47 8.55 -3.18
C TYR A 68 -17.95 8.30 -3.41
N ALA A 69 -18.65 9.34 -3.86
CA ALA A 69 -20.07 9.24 -4.13
C ALA A 69 -20.33 8.20 -5.21
N THR A 70 -19.49 8.16 -6.24
CA THR A 70 -19.65 7.19 -7.33
C THR A 70 -19.43 5.74 -6.83
N VAL A 71 -18.37 5.54 -6.02
CA VAL A 71 -18.06 4.20 -5.51
C VAL A 71 -19.17 3.71 -4.59
N PHE A 72 -19.61 4.58 -3.69
CA PHE A 72 -20.67 4.24 -2.75
C PHE A 72 -22.08 4.29 -3.35
N LYS A 73 -22.25 4.76 -4.59
CA LYS A 73 -23.57 4.84 -5.26
C LYS A 73 -24.51 5.81 -4.53
N THR A 74 -24.00 6.94 -4.13
CA THR A 74 -24.77 7.95 -3.45
C THR A 74 -24.71 9.20 -4.30
N GLU A 75 -25.61 10.12 -4.02
CA GLU A 75 -25.65 11.40 -4.73
C GLU A 75 -24.48 12.31 -4.41
N ALA A 76 -23.97 12.24 -3.18
CA ALA A 76 -22.92 13.13 -2.80
C ALA A 76 -22.12 12.52 -1.66
N ALA A 77 -21.04 13.19 -1.32
CA ALA A 77 -20.17 12.74 -0.22
C ALA A 77 -19.37 13.92 0.28
N LEU A 78 -18.86 13.76 1.51
CA LEU A 78 -18.08 14.74 2.20
C LEU A 78 -16.92 13.90 2.75
N VAL A 79 -15.70 14.18 2.26
CA VAL A 79 -14.48 13.43 2.61
C VAL A 79 -13.47 14.52 2.89
N ARG A 80 -13.08 14.69 4.15
CA ARG A 80 -12.25 15.83 4.51
C ARG A 80 -11.27 15.56 5.62
N PRO A 81 -10.12 16.24 5.59
CA PRO A 81 -9.18 16.10 6.73
C PRO A 81 -9.73 16.79 8.00
N GLN A 82 -10.69 17.72 7.79
CA GLN A 82 -11.40 18.43 8.85
C GLN A 82 -12.29 17.48 9.68
N ILE A 83 -12.69 16.33 9.11
CA ILE A 83 -13.42 15.32 9.87
C ILE A 83 -12.25 14.58 10.52
N ILE A 84 -12.08 14.66 11.82
CA ILE A 84 -10.92 14.07 12.55
C ILE A 84 -10.96 12.57 12.95
N SER A 85 -12.09 11.90 12.77
CA SER A 85 -12.20 10.47 13.08
C SER A 85 -13.55 9.96 12.59
N GLY A 86 -13.77 8.65 12.71
CA GLY A 86 -15.04 8.05 12.34
C GLY A 86 -16.14 8.58 13.23
N THR A 87 -15.85 8.66 14.53
CA THR A 87 -16.81 9.21 15.48
C THR A 87 -17.24 10.62 15.15
N HIS A 88 -16.30 11.45 14.71
CA HIS A 88 -16.60 12.80 14.33
C HIS A 88 -17.48 12.80 13.04
N ALA A 89 -17.25 11.87 12.12
CA ALA A 89 -18.10 11.79 10.90
C ALA A 89 -19.58 11.44 11.26
N ILE A 90 -19.74 10.48 12.17
CA ILE A 90 -21.05 10.01 12.62
C ILE A 90 -21.78 11.11 13.38
N SER A 91 -21.10 11.74 14.33
CA SER A 91 -21.66 12.86 15.07
C SER A 91 -22.07 13.99 14.10
N THR A 92 -21.27 14.24 13.07
CA THR A 92 -21.61 15.28 12.09
C THR A 92 -22.91 14.88 11.40
N VAL A 93 -23.09 13.60 11.09
CA VAL A 93 -24.33 13.12 10.46
C VAL A 93 -25.51 13.31 11.42
N LEU A 94 -25.30 12.95 12.70
CA LEU A 94 -26.36 13.04 13.67
C LEU A 94 -26.83 14.46 13.97
N PHE A 95 -25.91 15.36 14.31
CA PHE A 95 -26.28 16.76 14.55
C PHE A 95 -26.64 17.52 13.26
N GLY A 96 -26.09 17.10 12.14
CA GLY A 96 -26.37 17.77 10.86
C GLY A 96 -27.82 17.66 10.43
N ILE A 97 -28.43 16.50 10.71
CA ILE A 97 -29.78 16.15 10.31
C ILE A 97 -30.83 16.29 11.40
N LEU A 98 -30.50 15.88 12.63
CA LEU A 98 -31.45 15.92 13.73
C LEU A 98 -31.66 17.34 14.28
N ARG A 99 -32.89 17.61 14.74
CA ARG A 99 -33.31 18.92 15.29
C ARG A 99 -34.12 18.68 16.54
N PRO A 100 -34.30 19.72 17.39
CA PRO A 100 -35.06 19.50 18.64
C PRO A 100 -36.43 18.83 18.39
N ASP A 101 -36.75 17.89 19.28
CA ASP A 101 -37.99 17.07 19.21
C ASP A 101 -37.92 15.85 18.28
N ASP A 102 -36.90 15.73 17.44
CA ASP A 102 -36.71 14.54 16.63
C ASP A 102 -36.16 13.46 17.53
N GLU A 103 -36.36 12.21 17.11
CA GLU A 103 -35.88 11.05 17.82
C GLU A 103 -35.04 10.19 16.86
N LEU A 104 -33.94 9.66 17.38
CA LEU A 104 -33.06 8.75 16.67
C LEU A 104 -33.28 7.39 17.29
N LEU A 105 -33.48 6.38 16.47
CA LEU A 105 -33.68 5.01 16.98
C LEU A 105 -32.61 4.08 16.45
N TYR A 106 -31.74 3.58 17.34
CA TYR A 106 -30.73 2.58 16.97
C TYR A 106 -31.36 1.20 17.05
N ILE A 107 -31.41 0.49 15.92
CA ILE A 107 -32.05 -0.83 15.86
C ILE A 107 -31.14 -2.05 15.98
N THR A 108 -29.82 -1.84 15.94
CA THR A 108 -28.82 -2.92 16.06
C THR A 108 -28.26 -3.05 17.51
N GLY A 109 -29.07 -2.66 18.50
CA GLY A 109 -28.63 -2.70 19.92
C GLY A 109 -27.82 -1.48 20.28
N GLN A 110 -27.28 -1.46 21.49
CA GLN A 110 -26.49 -0.32 21.97
C GLN A 110 -25.21 -0.17 21.14
N PRO A 111 -25.01 1.01 20.49
CA PRO A 111 -23.83 1.23 19.65
C PRO A 111 -22.52 1.29 20.42
N TYR A 112 -21.40 1.35 19.69
CA TYR A 112 -20.06 1.44 20.32
C TYR A 112 -20.04 2.58 21.35
N ASP A 113 -19.42 2.32 22.48
CA ASP A 113 -19.49 3.25 23.61
C ASP A 113 -19.14 4.73 23.41
N THR A 114 -18.37 5.12 22.39
CA THR A 114 -18.07 6.55 22.26
C THR A 114 -19.28 7.34 21.72
N LEU A 115 -20.25 6.66 21.09
CA LEU A 115 -21.49 7.35 20.68
C LEU A 115 -22.37 7.72 21.88
N GLU A 116 -22.09 7.12 23.06
CA GLU A 116 -22.85 7.39 24.29
C GLU A 116 -22.82 8.85 24.69
N GLU A 117 -21.64 9.46 24.66
CA GLU A 117 -21.49 10.88 24.99
C GLU A 117 -22.11 11.72 23.90
N ILE A 118 -22.03 11.27 22.65
CA ILE A 118 -22.63 12.03 21.56
C ILE A 118 -24.16 12.09 21.69
N VAL A 119 -24.79 10.95 21.98
CA VAL A 119 -26.26 10.93 22.08
C VAL A 119 -26.80 11.48 23.40
N GLY A 120 -25.98 11.54 24.44
CA GLY A 120 -26.40 12.04 25.73
C GLY A 120 -26.67 11.00 26.80
N ILE A 121 -26.29 9.75 26.56
CA ILE A 121 -26.49 8.66 27.54
C ILE A 121 -25.38 8.59 28.61
N ARG A 122 -24.30 9.38 28.47
CA ARG A 122 -23.20 9.46 29.44
C ARG A 122 -22.70 10.90 29.40
N LYS A 123 -22.50 11.51 30.57
CA LYS A 123 -22.04 12.91 30.70
C LYS A 123 -23.18 13.89 30.39
N GLN A 124 -23.05 15.13 30.86
CA GLN A 124 -24.08 16.17 30.69
C GLN A 124 -23.53 17.57 30.42
N GLY A 125 -24.22 18.33 29.56
CA GLY A 125 -23.81 19.70 29.24
C GLY A 125 -22.68 19.88 28.24
N GLN A 126 -22.16 18.78 27.67
CA GLN A 126 -21.08 18.87 26.67
C GLN A 126 -21.61 19.20 25.27
N GLY A 127 -22.91 19.33 25.12
CA GLY A 127 -23.50 19.63 23.81
C GLY A 127 -23.94 18.38 23.05
N SER A 128 -24.41 17.37 23.78
CA SER A 128 -24.91 16.13 23.20
C SER A 128 -26.29 16.31 22.51
N LEU A 129 -26.81 15.24 21.93
CA LEU A 129 -28.15 15.27 21.33
C LEU A 129 -29.20 15.65 22.39
N LYS A 130 -29.06 15.12 23.61
CA LYS A 130 -29.97 15.41 24.72
C LYS A 130 -29.95 16.90 25.07
N ASP A 131 -28.76 17.49 25.15
CA ASP A 131 -28.60 18.93 25.45
C ASP A 131 -29.34 19.80 24.41
N PHE A 132 -29.51 19.29 23.20
CA PHE A 132 -30.26 20.00 22.15
C PHE A 132 -31.67 19.42 21.91
N HIS A 133 -32.19 18.76 22.96
CA HIS A 133 -33.55 18.15 23.00
C HIS A 133 -33.89 17.20 21.83
N ILE A 134 -32.91 16.39 21.45
CA ILE A 134 -33.05 15.41 20.40
C ILE A 134 -33.07 14.10 21.15
N GLY A 135 -34.05 13.25 20.84
CA GLY A 135 -34.22 11.99 21.55
C GLY A 135 -33.46 10.82 20.96
N TYR A 136 -33.12 9.88 21.83
CA TYR A 136 -32.43 8.66 21.45
C TYR A 136 -32.81 7.43 22.28
N SER A 137 -32.82 6.27 21.60
CA SER A 137 -33.04 4.99 22.27
C SER A 137 -32.54 3.90 21.33
N SER A 138 -32.19 2.75 21.90
CA SER A 138 -31.76 1.61 21.12
C SER A 138 -32.67 0.41 21.40
N VAL A 139 -32.88 -0.42 20.37
CA VAL A 139 -33.69 -1.62 20.45
C VAL A 139 -32.71 -2.76 20.66
N PRO A 140 -32.77 -3.45 21.83
CA PRO A 140 -31.81 -4.55 22.01
C PRO A 140 -31.96 -5.67 20.96
N LEU A 141 -30.87 -6.37 20.69
CA LEU A 141 -30.88 -7.47 19.75
C LEU A 141 -31.46 -8.71 20.40
N LEU A 142 -31.96 -9.63 19.59
CA LEU A 142 -32.46 -10.90 20.12
C LEU A 142 -31.23 -11.68 20.66
N GLU A 143 -31.46 -12.70 21.48
CA GLU A 143 -30.34 -13.48 22.07
C GLU A 143 -29.33 -14.07 21.06
N ASN A 144 -29.77 -14.41 19.85
CA ASN A 144 -28.87 -14.94 18.83
C ASN A 144 -28.10 -13.86 18.02
N GLY A 145 -28.40 -12.59 18.24
CA GLY A 145 -27.75 -11.49 17.51
C GLY A 145 -28.60 -10.87 16.40
N ASP A 146 -29.73 -11.47 16.05
CA ASP A 146 -30.62 -10.89 15.03
C ASP A 146 -31.30 -9.63 15.63
N VAL A 147 -31.80 -8.74 14.77
CA VAL A 147 -32.50 -7.55 15.28
C VAL A 147 -33.89 -8.02 15.76
N ASP A 148 -34.51 -7.27 16.66
CA ASP A 148 -35.83 -7.61 17.19
C ASP A 148 -36.85 -6.83 16.35
N PHE A 149 -37.38 -7.44 15.30
CA PHE A 149 -38.30 -6.73 14.39
C PHE A 149 -39.61 -6.23 15.03
N PRO A 150 -40.26 -7.06 15.89
CA PRO A 150 -41.46 -6.54 16.57
C PRO A 150 -41.17 -5.30 17.42
N ARG A 151 -40.08 -5.29 18.20
CA ARG A 151 -39.74 -4.10 19.01
C ARG A 151 -39.37 -2.91 18.12
N ILE A 152 -38.66 -3.15 17.01
CA ILE A 152 -38.34 -2.06 16.08
C ILE A 152 -39.65 -1.38 15.73
N ALA A 153 -40.64 -2.15 15.27
CA ALA A 153 -41.97 -1.61 14.91
C ALA A 153 -42.62 -0.87 16.06
N LYS A 154 -42.53 -1.44 17.27
CA LYS A 154 -43.09 -0.84 18.48
C LYS A 154 -42.45 0.51 18.81
N LYS A 155 -41.12 0.57 18.85
CA LYS A 155 -40.40 1.81 19.19
C LYS A 155 -40.41 2.92 18.11
N THR A 157 -41.96 5.80 16.04
CA THR A 157 -43.12 6.68 16.29
C THR A 157 -43.08 7.82 15.27
N PRO A 158 -44.09 8.73 15.32
CA PRO A 158 -44.03 9.88 14.41
C PRO A 158 -42.81 10.79 14.66
N LYS A 159 -42.25 10.78 15.87
CA LYS A 159 -41.05 11.57 16.17
C LYS A 159 -39.75 10.92 15.62
N THR A 160 -39.78 9.64 15.24
CA THR A 160 -38.58 8.94 14.72
C THR A 160 -38.17 9.48 13.35
N LYS A 161 -37.12 10.31 13.32
CA LYS A 161 -36.64 10.88 12.08
C LYS A 161 -35.58 10.01 11.44
N ILE A 163 -33.21 6.19 11.66
CA ILE A 163 -32.93 4.81 12.10
C ILE A 163 -31.40 4.65 12.03
N GLY A 164 -30.78 4.25 13.14
CA GLY A 164 -29.35 4.00 13.17
C GLY A 164 -29.09 2.50 13.01
N ILE A 165 -28.04 2.15 12.27
CA ILE A 165 -27.64 0.77 12.01
C ILE A 165 -26.12 0.71 12.09
N GLN A 166 -25.60 0.00 13.09
CA GLN A 166 -24.17 -0.17 13.22
C GLN A 166 -23.81 -1.52 12.55
N ARG A 167 -23.15 -1.46 11.40
CA ARG A 167 -22.78 -2.67 10.65
C ARG A 167 -21.85 -3.56 11.43
N SER A 168 -20.67 -3.03 11.77
CA SER A 168 -19.68 -3.80 12.51
C SER A 168 -20.07 -4.00 13.97
N ARG A 169 -19.74 -5.16 14.48
CA ARG A 169 -19.95 -5.54 15.88
C ARG A 169 -19.11 -4.77 16.90
N GLY A 170 -17.96 -4.24 16.49
CA GLY A 170 -17.08 -3.54 17.41
C GLY A 170 -16.70 -4.57 18.49
N TYR A 171 -16.87 -4.19 19.75
CA TYR A 171 -16.60 -5.09 20.89
C TYR A 171 -17.86 -5.83 21.38
N ALA A 172 -19.01 -5.54 20.78
CA ALA A 172 -20.27 -6.19 21.14
C ALA A 172 -20.25 -7.69 20.81
N ASP A 173 -20.81 -8.51 21.69
CA ASP A 173 -20.86 -9.96 21.50
C ASP A 173 -22.00 -10.36 20.54
N ARG A 174 -21.86 -10.03 19.27
CA ARG A 174 -22.87 -10.32 18.28
C ARG A 174 -22.25 -10.28 16.88
N PRO A 175 -22.78 -11.08 15.94
CA PRO A 175 -22.19 -11.02 14.61
C PRO A 175 -22.36 -9.66 13.96
N SER A 176 -21.40 -9.31 13.11
CA SER A 176 -21.49 -8.09 12.34
C SER A 176 -22.60 -8.34 11.33
N PHE A 177 -23.27 -7.28 10.87
CA PHE A 177 -24.41 -7.41 9.97
C PHE A 177 -23.99 -7.29 8.53
N THR A 178 -24.30 -8.34 7.76
CA THR A 178 -23.97 -8.40 6.35
C THR A 178 -24.85 -7.44 5.59
N ILE A 179 -24.47 -7.16 4.36
CA ILE A 179 -25.28 -6.27 3.50
C ILE A 179 -26.68 -6.84 3.45
N GLU A 180 -26.80 -8.17 3.23
CA GLU A 180 -28.10 -8.86 3.16
C GLU A 180 -28.99 -8.60 4.39
N LYS A 181 -28.40 -8.70 5.60
CA LYS A 181 -29.12 -8.44 6.84
C LYS A 181 -29.50 -6.97 6.96
N ILE A 182 -28.60 -6.10 6.53
CA ILE A 182 -28.85 -4.66 6.52
C ILE A 182 -30.00 -4.33 5.54
N LYS A 183 -30.01 -4.95 4.37
CA LYS A 183 -31.13 -4.78 3.41
C LYS A 183 -32.45 -5.20 4.02
N GLU A 184 -32.43 -6.31 4.77
CA GLU A 184 -33.62 -6.81 5.41
C GLU A 184 -34.20 -5.76 6.36
N ILE A 186 -33.59 -2.46 6.44
CA ILE A 186 -33.97 -1.26 5.67
C ILE A 186 -35.36 -1.41 5.09
N VAL A 187 -35.62 -2.53 4.44
CA VAL A 187 -36.94 -2.84 3.87
C VAL A 187 -38.02 -2.78 4.93
N PHE A 188 -37.70 -3.30 6.12
CA PHE A 188 -38.62 -3.32 7.23
C PHE A 188 -38.97 -1.93 7.76
N VAL A 189 -37.97 -1.08 7.98
CA VAL A 189 -38.23 0.27 8.52
C VAL A 189 -38.89 1.16 7.44
N LYS A 190 -38.50 0.97 6.19
CA LYS A 190 -39.10 1.75 5.08
CA LYS A 190 -39.09 1.76 5.08
C LYS A 190 -40.55 1.39 4.87
N ASN A 191 -40.92 0.13 5.15
CA ASN A 191 -42.31 -0.31 5.03
C ASN A 191 -43.17 0.27 6.15
N ILE A 192 -42.56 0.59 7.29
CA ILE A 192 -43.27 1.26 8.36
C ILE A 192 -43.38 2.77 8.02
N ASN A 193 -42.30 3.36 7.51
CA ASN A 193 -42.27 4.80 7.16
C ASN A 193 -41.32 5.01 5.98
N PRO A 194 -41.86 5.23 4.76
CA PRO A 194 -40.97 5.40 3.62
C PRO A 194 -40.05 6.65 3.67
N GLU A 195 -40.43 7.66 4.46
CA GLU A 195 -39.67 8.89 4.60
C GLU A 195 -38.69 8.88 5.77
N VAL A 196 -38.65 7.82 6.57
CA VAL A 196 -37.67 7.78 7.68
C VAL A 196 -36.27 7.72 7.06
N ILE A 197 -35.32 8.43 7.67
CA ILE A 197 -33.94 8.46 7.21
CA ILE A 197 -33.93 8.46 7.20
C ILE A 197 -33.20 7.27 7.81
N VAL A 198 -32.52 6.50 6.95
CA VAL A 198 -31.74 5.36 7.40
C VAL A 198 -30.26 5.68 7.31
N PHE A 199 -29.59 5.60 8.47
CA PHE A 199 -28.17 5.86 8.56
C PHE A 199 -27.45 4.60 8.99
N VAL A 200 -26.34 4.30 8.31
CA VAL A 200 -25.51 3.12 8.62
C VAL A 200 -24.08 3.53 8.98
N ASP A 201 -23.67 3.22 10.20
CA ASP A 201 -22.30 3.40 10.61
C ASP A 201 -21.62 2.24 9.84
N ASN A 202 -20.84 2.59 8.82
CA ASN A 202 -20.24 1.62 7.91
C ASN A 202 -18.78 1.26 8.17
N CYS A 203 -18.22 1.77 9.27
CA CYS A 203 -16.82 1.52 9.66
C CYS A 203 -16.44 0.06 9.62
N TYR A 204 -15.25 -0.21 9.09
CA TYR A 204 -14.67 -1.56 8.88
C TYR A 204 -15.31 -2.46 7.81
N GLY A 205 -16.42 -2.01 7.23
CA GLY A 205 -17.13 -2.79 6.25
C GLY A 205 -16.81 -2.45 4.80
N GLU A 206 -16.03 -1.40 4.60
CA GLU A 206 -15.79 -0.90 3.24
C GLU A 206 -14.97 -1.86 2.41
N PHE A 207 -15.54 -2.23 1.24
CA PHE A 207 -14.96 -3.14 0.25
C PHE A 207 -14.86 -4.61 0.65
N VAL A 208 -15.46 -5.00 1.78
CA VAL A 208 -15.44 -6.37 2.25
C VAL A 208 -16.43 -7.22 1.47
N GLU A 209 -17.50 -6.59 0.99
CA GLU A 209 -18.51 -7.24 0.15
C GLU A 209 -18.62 -6.48 -1.17
N TYR A 210 -19.35 -7.05 -2.12
CA TYR A 210 -19.59 -6.43 -3.46
C TYR A 210 -20.37 -5.12 -3.42
N GLN A 211 -21.24 -5.00 -2.42
CA GLN A 211 -22.08 -3.83 -2.22
C GLN A 211 -21.79 -3.09 -0.93
N GLU A 212 -22.30 -1.85 -0.88
CA GLU A 212 -22.25 -0.99 0.31
C GLU A 212 -23.71 -0.70 0.71
N PRO A 213 -23.94 -0.12 1.92
CA PRO A 213 -25.36 0.10 2.32
C PRO A 213 -26.27 1.03 1.46
N PRO A 214 -25.73 2.11 0.89
CA PRO A 214 -26.64 2.95 0.08
C PRO A 214 -27.36 2.21 -1.03
N GLU A 215 -26.68 1.33 -1.76
CA GLU A 215 -27.32 0.58 -2.86
C GLU A 215 -28.38 -0.43 -2.39
N VAL A 216 -28.41 -0.76 -1.08
CA VAL A 216 -29.48 -1.62 -0.52
C VAL A 216 -30.51 -0.77 0.25
N GLY A 217 -30.48 0.57 0.07
CA GLY A 217 -31.48 1.48 0.67
C GLY A 217 -31.10 2.48 1.74
N ALA A 218 -29.85 2.43 2.21
CA ALA A 218 -29.38 3.35 3.24
C ALA A 218 -29.35 4.76 2.67
N ASP A 219 -29.85 5.70 3.44
CA ASP A 219 -29.88 7.08 3.03
C ASP A 219 -28.54 7.77 3.19
N ILE A 220 -27.79 7.43 4.25
CA ILE A 220 -26.52 8.07 4.49
C ILE A 220 -25.65 7.14 5.35
N ILE A 221 -24.34 7.17 5.10
CA ILE A 221 -23.37 6.35 5.83
C ILE A 221 -22.19 7.22 6.24
N ALA A 222 -21.42 6.72 7.21
CA ALA A 222 -20.23 7.42 7.69
C ALA A 222 -19.15 6.43 8.12
N GLY A 223 -17.92 6.90 8.10
CA GLY A 223 -16.79 6.11 8.45
C GLY A 223 -15.51 6.90 8.60
N SER A 224 -14.47 6.15 8.92
CA SER A 224 -13.15 6.64 9.19
C SER A 224 -12.12 6.33 8.13
N LEU A 225 -11.33 7.33 7.78
CA LEU A 225 -10.27 7.15 6.78
C LEU A 225 -9.03 6.46 7.35
N ILE A 226 -8.92 6.28 8.67
CA ILE A 226 -7.77 5.51 9.19
C ILE A 226 -8.11 3.99 9.32
N ASN A 228 -10.50 0.98 6.63
CA ASN A 228 -10.62 0.49 5.22
C ASN A 228 -10.41 1.51 4.07
N PRO A 229 -11.22 2.57 4.03
CA PRO A 229 -11.12 3.47 2.86
C PRO A 229 -9.86 4.30 2.75
N GLY A 230 -9.06 4.37 3.84
CA GLY A 230 -7.81 5.07 3.79
C GLY A 230 -6.72 4.29 3.11
N GLY A 231 -6.91 3.00 2.94
CA GLY A 231 -5.95 2.14 2.29
C GLY A 231 -4.60 2.08 3.00
N GLY A 232 -4.56 2.48 4.28
CA GLY A 232 -3.31 2.55 5.06
C GLY A 232 -2.54 3.84 4.81
N LEU A 233 -2.97 4.68 3.85
CA LEU A 233 -2.24 5.90 3.52
C LEU A 233 -2.83 7.18 4.13
N ALA A 234 -4.15 7.25 4.34
CA ALA A 234 -4.76 8.47 4.86
C ALA A 234 -4.26 8.67 6.30
N LYS A 235 -3.73 9.86 6.59
CA LYS A 235 -3.15 10.19 7.91
C LYS A 235 -4.19 10.57 8.96
N THR A 236 -5.38 10.94 8.50
CA THR A 236 -6.49 11.29 9.35
C THR A 236 -7.71 11.41 8.45
N GLY A 237 -8.88 11.74 8.99
CA GLY A 237 -10.08 11.95 8.14
C GLY A 237 -11.30 11.09 8.43
N GLY A 238 -12.40 11.46 7.79
CA GLY A 238 -13.65 10.73 7.88
C GLY A 238 -14.39 11.02 6.57
N TYR A 239 -15.44 10.25 6.31
CA TYR A 239 -16.23 10.42 5.12
C TYR A 239 -17.69 10.29 5.51
N ILE A 240 -18.55 10.91 4.71
CA ILE A 240 -19.97 10.85 4.83
C ILE A 240 -20.42 10.76 3.36
N ALA A 241 -21.29 9.79 3.05
CA ALA A 241 -21.85 9.60 1.70
C ALA A 241 -23.33 9.36 1.86
N GLY A 242 -24.12 9.90 0.94
CA GLY A 242 -25.56 9.73 0.98
C GLY A 242 -26.28 10.72 0.05
N LYS A 243 -27.57 10.93 0.33
CA LYS A 243 -28.44 11.85 -0.40
C LYS A 243 -27.88 13.26 -0.29
N GLU A 244 -27.94 14.01 -1.40
CA GLU A 244 -27.39 15.38 -1.46
C GLU A 244 -27.95 16.27 -0.37
N ALA A 245 -29.27 16.29 -0.24
CA ALA A 245 -29.93 17.11 0.78
C ALA A 245 -29.33 16.82 2.18
N LEU A 246 -29.09 15.56 2.49
CA LEU A 246 -28.53 15.18 3.79
C LEU A 246 -27.05 15.54 3.94
N VAL A 247 -26.27 15.31 2.89
CA VAL A 247 -24.86 15.64 2.89
C VAL A 247 -24.67 17.16 3.04
N ASP A 248 -25.54 17.97 2.40
CA ASP A 248 -25.50 19.43 2.54
C ASP A 248 -25.69 19.83 4.02
N LEU A 249 -26.65 19.22 4.71
CA LEU A 249 -26.90 19.51 6.12
C LEU A 249 -25.67 19.11 6.98
N CYS A 250 -25.04 18.00 6.65
CA CYS A 250 -23.82 17.55 7.33
C CYS A 250 -22.72 18.57 7.17
N GLY A 251 -22.63 19.16 5.98
CA GLY A 251 -21.62 20.16 5.66
C GLY A 251 -21.76 21.45 6.43
N TYR A 252 -23.00 21.84 6.72
CA TYR A 252 -23.28 23.05 7.50
C TYR A 252 -22.88 22.80 8.95
N ARG A 253 -23.02 21.57 9.42
CA ARG A 253 -22.62 21.22 10.80
C ARG A 253 -21.09 21.15 10.93
N LEU A 254 -20.41 20.55 9.94
CA LEU A 254 -18.95 20.41 9.94
C LEU A 254 -18.23 21.77 9.87
N THR A 255 -18.76 22.69 9.06
CA THR A 255 -18.23 24.07 8.99
C THR A 255 -19.26 24.95 9.70
N THR A 256 -19.98 25.80 8.98
CA THR A 256 -21.02 26.66 9.56
C THR A 256 -22.20 26.70 8.62
N PRO A 257 -23.39 27.11 9.11
CA PRO A 257 -24.54 27.25 8.19
C PRO A 257 -24.26 28.33 7.18
N GLY A 258 -24.86 28.20 6.00
CA GLY A 258 -24.67 29.15 4.92
C GLY A 258 -23.52 28.74 4.03
N ILE A 259 -22.32 28.72 4.60
CA ILE A 259 -21.10 28.35 3.88
C ILE A 259 -21.08 26.85 3.60
N GLY A 260 -21.08 26.05 4.64
CA GLY A 260 -21.10 24.61 4.48
C GLY A 260 -19.89 23.99 3.82
N ARG A 261 -20.13 22.99 2.98
CA ARG A 261 -19.06 22.22 2.32
C ARG A 261 -18.26 22.93 1.20
N GLU A 262 -18.65 24.15 0.83
CA GLU A 262 -17.88 24.92 -0.14
C GLU A 262 -16.53 25.34 0.42
N ALA A 263 -16.42 25.37 1.76
CA ALA A 263 -15.22 25.81 2.45
C ALA A 263 -14.44 24.67 3.14
N GLY A 264 -13.13 24.86 3.26
CA GLY A 264 -12.25 23.87 3.89
C GLY A 264 -11.04 23.61 3.02
N ALA A 265 -9.92 24.22 3.35
CA ALA A 265 -8.69 24.00 2.59
C ALA A 265 -8.25 22.54 2.74
N SER A 266 -7.75 21.96 1.66
CA SER A 266 -7.29 20.59 1.66
C SER A 266 -5.84 20.42 2.13
N LEU A 267 -5.07 21.51 2.08
CA LEU A 267 -3.65 21.53 2.41
C LEU A 267 -2.94 20.40 1.62
N TYR A 268 -2.23 19.49 2.27
CA TYR A 268 -1.47 18.46 1.58
C TYR A 268 -2.10 17.04 1.58
N SER A 269 -3.35 16.89 1.99
CA SER A 269 -3.96 15.57 2.15
C SER A 269 -4.57 14.88 0.92
N LEU A 270 -4.76 15.60 -0.17
CA LEU A 270 -5.43 15.00 -1.33
C LEU A 270 -4.81 13.75 -1.94
N LEU A 271 -3.50 13.78 -2.20
CA LEU A 271 -2.86 12.66 -2.83
C LEU A 271 -3.06 11.33 -2.09
N GLU A 272 -2.71 11.34 -0.80
CA GLU A 272 -2.85 10.15 0.04
C GLU A 272 -4.30 9.69 0.12
N TYR A 274 -6.63 10.03 -2.29
CA TYR A 274 -6.97 9.41 -3.59
C TYR A 274 -6.28 8.09 -3.72
N GLN A 275 -4.96 8.07 -3.51
CA GLN A 275 -4.18 6.84 -3.61
C GLN A 275 -4.66 5.79 -2.61
N GLY A 276 -5.01 6.23 -1.42
CA GLY A 276 -5.49 5.32 -0.37
C GLY A 276 -6.79 4.70 -0.77
N PHE A 277 -7.67 5.48 -1.38
CA PHE A 277 -8.98 4.95 -1.79
C PHE A 277 -8.80 3.94 -2.93
N PHE A 278 -7.90 4.23 -3.86
CA PHE A 278 -7.58 3.34 -5.00
C PHE A 278 -7.02 2.00 -4.50
N LEU A 279 -6.18 2.05 -3.47
CA LEU A 279 -5.62 0.84 -2.86
C LEU A 279 -6.53 0.16 -1.82
N ALA A 280 -7.61 0.84 -1.42
CA ALA A 280 -8.50 0.35 -0.38
C ALA A 280 -9.08 -1.06 -0.60
N PRO A 281 -9.70 -1.32 -1.79
CA PRO A 281 -10.19 -2.68 -2.04
C PRO A 281 -9.10 -3.76 -1.85
N HIS A 282 -7.89 -3.51 -2.37
CA HIS A 282 -6.82 -4.46 -2.25
C HIS A 282 -6.34 -4.61 -0.79
N VAL A 283 -6.16 -3.51 -0.08
CA VAL A 283 -5.63 -3.54 1.32
C VAL A 283 -6.65 -4.18 2.26
N THR A 284 -7.91 -3.85 2.06
CA THR A 284 -9.01 -4.49 2.78
C THR A 284 -8.96 -6.03 2.61
N ALA A 285 -8.71 -6.49 1.38
CA ALA A 285 -8.58 -7.93 1.12
C ALA A 285 -7.44 -8.58 1.91
N GLN A 286 -6.36 -7.86 2.12
CA GLN A 286 -5.22 -8.38 2.89
C GLN A 286 -5.65 -8.61 4.31
N ALA A 287 -6.37 -7.63 4.86
CA ALA A 287 -6.93 -7.68 6.20
C ALA A 287 -7.88 -8.84 6.39
N ILE A 288 -8.76 -9.05 5.40
CA ILE A 288 -9.73 -10.16 5.40
C ILE A 288 -9.05 -11.54 5.27
N LYS A 289 -8.09 -11.66 4.36
CA LYS A 289 -7.36 -12.91 4.22
C LYS A 289 -6.55 -13.25 5.50
N GLY A 290 -5.97 -12.23 6.15
CA GLY A 290 -5.22 -12.45 7.41
C GLY A 290 -6.11 -12.86 8.58
N ALA A 291 -7.33 -12.32 8.60
CA ALA A 291 -8.35 -12.63 9.62
C ALA A 291 -8.73 -14.10 9.52
N ARG A 292 -8.98 -14.56 8.29
CA ARG A 292 -9.33 -15.95 8.05
C ARG A 292 -8.18 -16.90 8.42
N PHE A 293 -6.95 -16.47 8.13
CA PHE A 293 -5.74 -17.18 8.48
C PHE A 293 -5.62 -17.25 10.01
N THR A 294 -5.88 -16.13 10.70
CA THR A 294 -5.81 -16.10 12.20
C THR A 294 -6.86 -17.02 12.84
N ALA A 295 -8.08 -16.92 12.32
CA ALA A 295 -9.21 -17.73 12.75
C ALA A 295 -8.94 -19.24 12.56
N ALA A 296 -8.43 -19.64 11.39
CA ALA A 296 -8.14 -21.07 11.15
C ALA A 296 -6.92 -21.56 11.97
N LEU A 298 -5.58 -20.26 14.86
CA LEU A 298 -5.92 -20.34 16.29
C LEU A 298 -6.84 -21.52 16.60
N ALA A 299 -7.81 -21.83 15.72
CA ALA A 299 -8.68 -23.00 15.93
C ALA A 299 -7.87 -24.31 15.99
N GLU A 300 -6.82 -24.45 15.17
CA GLU A 300 -5.96 -25.67 15.18
C GLU A 300 -5.24 -25.91 16.51
N PHE A 301 -4.94 -24.84 17.25
CA PHE A 301 -4.28 -24.97 18.57
C PHE A 301 -5.29 -24.97 19.72
N GLY A 302 -6.55 -25.30 19.45
CA GLY A 302 -7.57 -25.30 20.49
C GLY A 302 -8.00 -23.96 21.07
N VAL A 303 -7.73 -22.86 20.38
CA VAL A 303 -8.16 -21.53 20.83
C VAL A 303 -9.43 -21.12 20.07
N GLU A 304 -10.44 -20.70 20.82
CA GLU A 304 -11.70 -20.27 20.28
C GLU A 304 -11.50 -19.03 19.43
N ALA A 305 -12.08 -19.03 18.23
CA ALA A 305 -11.98 -17.91 17.31
C ALA A 305 -13.40 -17.46 16.99
N ASP A 306 -13.60 -16.15 16.85
CA ASP A 306 -14.89 -15.61 16.51
C ASP A 306 -14.68 -14.32 15.72
N PRO A 307 -15.06 -14.31 14.42
CA PRO A 307 -15.68 -15.38 13.63
C PRO A 307 -14.76 -16.55 13.26
N VAL A 308 -15.38 -17.68 12.94
CA VAL A 308 -14.68 -18.87 12.48
C VAL A 308 -14.16 -18.61 11.05
N TRP A 309 -13.17 -19.40 10.65
CA TRP A 309 -12.53 -19.19 9.35
C TRP A 309 -13.48 -19.27 8.15
N ASP A 310 -14.52 -20.10 8.24
CA ASP A 310 -15.46 -20.28 7.13
C ASP A 310 -16.80 -19.51 7.28
N ALA A 311 -16.85 -18.54 8.21
CA ALA A 311 -18.05 -17.73 8.41
C ALA A 311 -18.15 -16.70 7.29
N PRO A 312 -19.35 -16.14 7.06
CA PRO A 312 -19.42 -15.06 6.05
C PRO A 312 -18.69 -13.84 6.61
N ARG A 313 -18.15 -13.00 5.76
CA ARG A 313 -17.41 -11.81 6.19
C ARG A 313 -18.05 -10.55 5.66
N THR A 314 -18.29 -9.58 6.55
CA THR A 314 -18.81 -8.26 6.14
C THR A 314 -17.96 -7.10 6.65
N ASP A 315 -17.07 -7.38 7.62
CA ASP A 315 -16.14 -6.38 8.13
C ASP A 315 -14.78 -7.04 8.52
N LEU A 316 -13.83 -6.25 9.00
CA LEU A 316 -12.48 -6.74 9.35
C LEU A 316 -12.31 -7.38 10.71
N ILE A 317 -13.37 -7.35 11.53
CA ILE A 317 -13.25 -7.82 12.90
C ILE A 317 -12.96 -9.31 13.02
N GLN A 318 -12.01 -9.62 13.92
CA GLN A 318 -11.64 -10.98 14.17
C GLN A 318 -11.13 -11.05 15.61
N SER A 319 -11.69 -11.96 16.40
CA SER A 319 -11.25 -12.15 17.80
C SER A 319 -10.87 -13.59 18.01
N VAL A 320 -10.05 -13.82 19.05
CA VAL A 320 -9.68 -15.15 19.45
C VAL A 320 -9.79 -15.08 20.97
N SER A 321 -10.48 -16.06 21.58
CA SER A 321 -10.67 -16.07 23.04
C SER A 321 -9.76 -17.12 23.67
N PHE A 322 -8.82 -16.66 24.49
CA PHE A 322 -7.85 -17.54 25.09
C PHE A 322 -8.27 -18.24 26.38
N HIS A 323 -9.20 -17.66 27.15
CA HIS A 323 -9.64 -18.22 28.46
C HIS A 323 -8.42 -18.40 29.39
N ASN A 324 -7.45 -17.48 29.25
CA ASN A 324 -6.24 -17.47 30.03
C ASN A 324 -5.65 -16.10 29.80
N LYS A 325 -5.43 -15.37 30.89
CA LYS A 325 -4.86 -14.03 30.83
C LYS A 325 -3.42 -13.98 30.32
N GLU A 326 -2.56 -14.87 30.83
CA GLU A 326 -1.15 -14.89 30.43
C GLU A 326 -0.99 -15.08 28.91
N LYS A 327 -1.76 -15.98 28.32
CA LYS A 327 -1.68 -16.24 26.88
C LYS A 327 -2.20 -15.04 26.07
N VAL A 329 -2.23 -11.82 26.98
CA VAL A 329 -1.24 -10.75 27.10
C VAL A 329 0.02 -11.07 26.27
N ALA A 330 0.53 -12.30 26.36
CA ALA A 330 1.73 -12.68 25.57
C ALA A 330 1.48 -12.65 24.06
N PHE A 331 0.30 -13.06 23.62
CA PHE A 331 -0.03 -13.04 22.19
C PHE A 331 0.01 -11.58 21.75
N ALA A 332 -0.79 -10.71 22.40
CA ALA A 332 -0.83 -9.26 22.09
C ALA A 332 0.58 -8.64 21.99
N GLN A 333 1.42 -8.93 22.98
CA GLN A 333 2.78 -8.45 22.98
C GLN A 333 3.56 -8.94 21.76
N ALA A 334 3.37 -10.21 21.42
CA ALA A 334 4.04 -10.81 20.30
C ALA A 334 3.61 -10.09 18.97
N ILE A 335 2.39 -9.58 18.92
CA ILE A 335 1.90 -8.82 17.74
C ILE A 335 2.65 -7.48 17.66
N GLN A 336 2.91 -6.83 18.82
CA GLN A 336 3.66 -5.58 18.86
CA GLN A 336 3.65 -5.57 18.82
C GLN A 336 5.10 -5.83 18.42
N ALA A 337 5.68 -6.90 18.96
CA ALA A 337 7.05 -7.32 18.64
C ALA A 337 7.22 -7.64 17.16
N ALA A 338 6.13 -8.03 16.48
CA ALA A 338 6.11 -8.31 15.00
C ALA A 338 5.47 -7.18 14.17
N SER A 339 5.54 -5.94 14.66
CA SER A 339 4.98 -4.77 13.95
C SER A 339 6.15 -3.90 13.55
N PRO A 340 5.98 -3.07 12.49
CA PRO A 340 7.12 -2.28 12.02
C PRO A 340 7.57 -1.10 12.85
N VAL A 341 6.64 -0.47 13.54
CA VAL A 341 6.90 0.74 14.34
C VAL A 341 6.78 0.47 15.84
N ASN A 342 7.75 0.91 16.62
CA ASN A 342 7.73 0.72 18.07
C ASN A 342 7.59 -0.72 18.46
N ALA A 343 8.21 -1.62 17.70
CA ALA A 343 8.15 -3.05 17.97
C ALA A 343 8.80 -3.40 19.35
N HIS A 344 9.72 -2.55 19.80
CA HIS A 344 10.43 -2.68 21.10
C HIS A 344 9.67 -2.11 22.32
N VAL A 345 8.49 -1.52 22.08
CA VAL A 345 7.68 -0.93 23.13
C VAL A 345 6.48 -1.85 23.37
N LEU A 346 6.71 -2.87 24.20
CA LEU A 346 5.68 -3.88 24.49
C LEU A 346 4.55 -3.36 25.40
N PRO A 347 3.27 -3.61 25.02
CA PRO A 347 2.17 -3.14 25.84
C PRO A 347 1.92 -4.03 27.05
N ILE A 348 1.20 -3.48 28.02
CA ILE A 348 0.77 -4.16 29.23
C ILE A 348 -0.65 -3.67 29.47
N GLY A 349 -1.34 -4.30 30.42
CA GLY A 349 -2.70 -3.91 30.78
C GLY A 349 -2.67 -2.49 31.31
N ALA A 350 -3.41 -1.59 30.68
CA ALA A 350 -3.44 -0.18 31.07
C ALA A 350 -4.83 0.25 31.46
N TYR A 351 -4.90 1.35 32.22
CA TYR A 351 -6.15 1.94 32.64
C TYR A 351 -6.70 2.72 31.48
N PRO A 353 -9.71 5.45 30.57
CA PRO A 353 -10.72 6.30 31.18
C PRO A 353 -12.16 5.84 30.90
N GLY A 354 -12.92 5.58 31.96
CA GLY A 354 -14.30 5.12 31.85
C GLY A 354 -14.54 3.64 32.14
N TYR A 355 -13.55 2.79 31.89
CA TYR A 355 -13.68 1.35 32.06
C TYR A 355 -13.08 0.84 33.37
N GLU A 356 -13.72 -0.15 33.98
CA GLU A 356 -13.23 -0.77 35.23
C GLU A 356 -12.04 -1.70 35.05
N ASP A 357 -11.93 -2.33 33.88
CA ASP A 357 -10.85 -3.28 33.61
C ASP A 357 -9.74 -2.70 32.78
N ASP A 358 -8.53 -3.25 32.95
CA ASP A 358 -7.38 -2.89 32.13
C ASP A 358 -7.61 -3.37 30.69
N VAL A 359 -7.04 -2.66 29.72
CA VAL A 359 -7.09 -3.02 28.31
C VAL A 359 -5.64 -3.19 27.87
N ILE A 360 -5.39 -4.07 26.90
CA ILE A 360 -4.05 -4.25 26.32
C ILE A 360 -4.18 -3.85 24.85
N ALA A 362 -1.83 -3.64 21.24
CA ALA A 362 -0.68 -3.75 20.38
C ALA A 362 -1.06 -2.82 19.23
N ALA A 363 -0.24 -1.80 18.99
CA ALA A 363 -0.48 -0.78 17.96
C ALA A 363 0.83 -0.18 17.44
N GLY A 364 1.74 -1.03 16.98
CA GLY A 364 3.00 -0.57 16.40
C GLY A 364 2.70 -0.22 14.92
N THR A 365 2.16 0.97 14.70
CA THR A 365 1.70 1.38 13.34
C THR A 365 2.38 2.67 12.83
N PHE A 366 2.27 2.91 11.52
CA PHE A 366 2.84 4.11 10.94
C PHE A 366 2.04 5.35 11.27
N ILE A 367 0.71 5.16 11.30
CA ILE A 367 -0.24 6.20 11.62
CA ILE A 367 -0.25 6.20 11.61
C ILE A 367 -0.88 5.89 12.97
N GLN A 368 -0.88 6.87 13.88
CA GLN A 368 -1.39 6.75 15.25
C GLN A 368 -2.87 6.38 15.35
N GLY A 369 -3.13 5.21 15.91
CA GLY A 369 -4.49 4.69 16.05
C GLY A 369 -5.08 4.14 14.77
N ALA A 370 -4.30 4.05 13.69
CA ALA A 370 -4.83 3.53 12.42
C ALA A 370 -5.08 2.03 12.59
N SER A 371 -6.22 1.55 12.09
CA SER A 371 -6.57 0.15 12.30
C SER A 371 -6.72 -0.72 11.06
N LEU A 372 -6.50 -0.16 9.84
CA LEU A 372 -6.42 -1.00 8.67
C LEU A 372 -5.04 -1.66 8.78
N GLU A 373 -4.11 -1.06 9.52
CA GLU A 373 -2.80 -1.66 9.83
C GLU A 373 -3.02 -2.74 10.92
N LEU A 374 -2.07 -3.64 11.06
CA LEU A 374 -2.19 -4.73 12.03
C LEU A 374 -2.14 -4.22 13.46
N THR A 375 -3.18 -4.56 14.23
CA THR A 375 -3.28 -4.24 15.68
C THR A 375 -3.92 -5.38 16.45
N ALA A 376 -3.73 -5.39 17.78
CA ALA A 376 -4.33 -6.39 18.67
C ALA A 376 -4.69 -5.77 20.01
N ASP A 377 -5.94 -5.91 20.43
CA ASP A 377 -6.39 -5.36 21.72
C ASP A 377 -7.63 -6.03 22.28
N GLY A 378 -7.89 -5.77 23.56
CA GLY A 378 -9.06 -6.35 24.25
C GLY A 378 -8.99 -6.12 25.74
N PRO A 379 -10.16 -6.19 26.43
CA PRO A 379 -10.14 -6.02 27.88
C PRO A 379 -9.61 -7.26 28.58
N ILE A 380 -8.84 -7.03 29.62
CA ILE A 380 -8.25 -8.10 30.42
CA ILE A 380 -8.25 -8.10 30.42
C ILE A 380 -9.32 -8.60 31.39
N ARG A 381 -10.04 -9.63 30.97
CA ARG A 381 -11.09 -10.26 31.73
C ARG A 381 -11.58 -11.43 30.92
N GLU A 382 -12.25 -12.36 31.60
CA GLU A 382 -12.79 -13.55 30.98
C GLU A 382 -13.76 -13.08 29.87
N PRO A 383 -13.79 -13.77 28.74
CA PRO A 383 -13.06 -14.96 28.33
C PRO A 383 -11.66 -14.73 27.71
N TYR A 384 -11.05 -13.56 27.99
CA TYR A 384 -9.73 -13.14 27.49
C TYR A 384 -9.72 -13.14 25.96
N GLN A 385 -10.65 -12.35 25.44
CA GLN A 385 -10.86 -12.18 24.00
C GLN A 385 -9.97 -11.05 23.46
N LEU A 386 -9.06 -11.39 22.56
CA LEU A 386 -8.19 -10.41 21.94
C LEU A 386 -8.68 -10.19 20.48
N TYR A 387 -8.79 -8.94 20.04
CA TYR A 387 -9.17 -8.63 18.65
C TYR A 387 -7.89 -8.48 17.86
N VAL A 388 -7.60 -9.41 16.95
CA VAL A 388 -6.34 -9.43 16.16
C VAL A 388 -6.79 -9.26 14.71
N GLN A 389 -6.69 -8.05 14.19
CA GLN A 389 -7.24 -7.69 12.86
C GLN A 389 -6.50 -6.58 12.16
N GLY A 390 -6.85 -6.36 10.88
CA GLY A 390 -6.15 -5.39 10.05
C GLY A 390 -4.86 -6.02 9.54
N GLY A 391 -4.05 -5.22 8.86
CA GLY A 391 -2.77 -5.64 8.26
C GLY A 391 -2.65 -5.11 6.84
N LEU A 392 -1.62 -4.30 6.53
CA LEU A 392 -1.51 -3.74 5.15
C LEU A 392 -1.15 -4.77 4.06
N THR A 393 -0.55 -5.89 4.47
CA THR A 393 -0.19 -6.96 3.56
C THR A 393 -0.52 -8.28 4.20
N TYR A 394 -1.01 -9.22 3.40
CA TYR A 394 -1.28 -10.58 3.92
C TYR A 394 0.00 -11.22 4.50
N GLU A 395 1.15 -10.85 3.93
CA GLU A 395 2.44 -11.31 4.37
C GLU A 395 2.73 -10.93 5.83
N HIS A 396 2.59 -9.64 6.18
CA HIS A 396 2.83 -9.15 7.54
C HIS A 396 1.97 -9.89 8.55
N ILE A 397 0.69 -10.07 8.22
CA ILE A 397 -0.26 -10.76 9.11
C ILE A 397 0.16 -12.22 9.38
N LYS A 398 0.52 -12.96 8.31
CA LYS A 398 0.96 -14.34 8.43
C LYS A 398 2.20 -14.46 9.30
N ILE A 399 3.17 -13.57 9.07
CA ILE A 399 4.42 -13.55 9.82
C ILE A 399 4.15 -13.26 11.30
N ALA A 400 3.40 -12.18 11.57
CA ALA A 400 3.07 -11.75 12.95
C ALA A 400 2.26 -12.79 13.73
N VAL A 401 1.22 -13.31 13.10
CA VAL A 401 0.36 -14.32 13.74
C VAL A 401 1.09 -15.66 13.93
N THR A 402 1.92 -16.07 12.97
CA THR A 402 2.70 -17.29 13.12
C THR A 402 3.64 -17.19 14.34
N ARG A 403 4.31 -16.05 14.47
CA ARG A 403 5.21 -15.77 15.58
C ARG A 403 4.48 -15.66 16.90
N ALA A 404 3.34 -14.98 16.91
CA ALA A 404 2.56 -14.84 18.14
C ALA A 404 2.15 -16.21 18.66
N ILE A 405 1.70 -17.10 17.75
CA ILE A 405 1.32 -18.48 18.11
C ILE A 405 2.52 -19.24 18.71
N GLN A 406 3.71 -19.04 18.15
CA GLN A 406 4.90 -19.71 18.67
C GLN A 406 5.25 -19.30 20.12
N LYS A 407 4.89 -18.07 20.49
CA LYS A 407 5.13 -17.55 21.84
C LYS A 407 4.24 -18.19 22.90
N ILE A 408 2.98 -18.48 22.58
CA ILE A 408 2.04 -19.04 23.56
C ILE A 408 1.75 -20.55 23.46
N VAL A 409 2.09 -21.21 22.36
CA VAL A 409 1.82 -22.66 22.23
C VAL A 409 2.89 -23.48 22.93
N ILE B 5 -12.09 -13.01 -22.54
CA ILE B 5 -13.19 -13.86 -22.02
C ILE B 5 -12.79 -14.43 -20.66
N GLN B 6 -13.79 -14.72 -19.85
CA GLN B 6 -13.65 -15.27 -18.50
C GLN B 6 -13.05 -16.66 -18.52
N ALA B 7 -13.47 -17.48 -19.49
CA ALA B 7 -13.01 -18.86 -19.66
C ALA B 7 -11.52 -18.95 -19.80
N ILE B 8 -10.98 -18.12 -20.69
CA ILE B 8 -9.55 -18.06 -20.90
C ILE B 8 -8.83 -17.72 -19.61
N ARG B 9 -9.37 -16.77 -18.86
CA ARG B 9 -8.74 -16.37 -17.62
C ARG B 9 -8.70 -17.48 -16.58
N LYS B 10 -9.76 -18.26 -16.47
CA LYS B 10 -9.76 -19.38 -15.54
C LYS B 10 -8.64 -20.35 -15.95
N LYS B 11 -8.51 -20.57 -17.26
CA LYS B 11 -7.48 -21.46 -17.80
C LYS B 11 -6.07 -20.93 -17.52
N VAL B 12 -5.83 -19.67 -17.85
CA VAL B 12 -4.54 -19.04 -17.68
C VAL B 12 -4.16 -18.89 -16.17
N GLU B 13 -5.12 -18.53 -15.32
CA GLU B 13 -4.83 -18.35 -13.89
C GLU B 13 -4.55 -19.68 -13.17
N THR B 14 -5.18 -20.75 -13.63
CA THR B 14 -4.92 -22.09 -13.11
C THR B 14 -3.51 -22.51 -13.49
N GLN B 15 -3.19 -22.29 -14.76
CA GLN B 15 -1.87 -22.58 -15.31
C GLN B 15 -0.71 -21.91 -14.56
N ILE B 16 -0.85 -20.63 -14.22
CA ILE B 16 0.25 -19.91 -13.56
C ILE B 16 0.22 -19.97 -12.04
N ASP B 17 -0.76 -20.64 -11.46
CA ASP B 17 -0.97 -20.57 -10.01
C ASP B 17 0.19 -21.03 -9.15
N ASP B 18 0.84 -22.15 -9.49
CA ASP B 18 1.95 -22.63 -8.67
CA ASP B 18 1.98 -22.63 -8.72
C ASP B 18 3.09 -21.60 -8.72
N LEU B 19 3.27 -20.93 -9.86
CA LEU B 19 4.31 -19.90 -9.93
C LEU B 19 3.91 -18.63 -9.19
N GLN B 20 2.62 -18.30 -9.14
CA GLN B 20 2.16 -17.14 -8.36
C GLN B 20 2.41 -17.43 -6.84
N ASN B 21 2.20 -18.67 -6.42
CA ASN B 21 2.42 -19.08 -5.02
CA ASN B 21 2.41 -19.04 -5.01
C ASN B 21 3.87 -18.93 -4.64
N LYS B 22 4.78 -19.35 -5.53
CA LYS B 22 6.22 -19.19 -5.29
C LYS B 22 6.57 -17.74 -5.10
N THR B 23 5.98 -16.87 -5.92
CA THR B 23 6.18 -15.43 -5.80
C THR B 23 5.68 -14.94 -4.43
N ASP B 24 4.56 -15.48 -3.94
CA ASP B 24 4.06 -15.10 -2.62
C ASP B 24 4.98 -15.62 -1.49
N GLU B 25 5.67 -16.74 -1.71
CA GLU B 25 6.63 -17.26 -0.71
C GLU B 25 7.83 -16.34 -0.61
N ILE B 26 8.25 -15.79 -1.75
CA ILE B 26 9.36 -14.87 -1.78
C ILE B 26 8.92 -13.59 -1.11
N ALA B 27 7.71 -13.16 -1.44
CA ALA B 27 7.09 -11.96 -0.84
C ALA B 27 7.09 -12.04 0.71
N GLU B 28 6.74 -13.20 1.23
CA GLU B 28 6.68 -13.39 2.71
C GLU B 28 8.07 -13.33 3.27
N PHE B 29 8.99 -14.04 2.64
CA PHE B 29 10.38 -14.03 3.06
C PHE B 29 10.93 -12.60 3.05
N ASN B 30 10.65 -11.84 1.98
CA ASN B 30 11.14 -10.45 1.90
C ASN B 30 10.40 -9.47 2.80
N GLN B 31 9.13 -9.76 3.13
CA GLN B 31 8.40 -8.96 4.09
C GLN B 31 9.08 -9.13 5.47
N ALA B 32 9.45 -10.36 5.80
CA ALA B 32 10.12 -10.71 7.10
C ALA B 32 11.50 -10.06 7.21
N LYS B 33 12.26 -10.10 6.11
CA LYS B 33 13.58 -9.47 6.01
CA LYS B 33 13.59 -9.49 6.09
C LYS B 33 13.50 -8.01 6.39
N VAL B 34 12.52 -7.33 5.79
CA VAL B 34 12.32 -5.92 6.03
C VAL B 34 11.74 -5.65 7.39
N LEU B 35 10.76 -6.44 7.82
CA LEU B 35 10.15 -6.26 9.13
CA LEU B 35 10.15 -6.26 9.12
C LEU B 35 11.25 -6.38 10.19
N ASP B 36 12.13 -7.34 10.03
CA ASP B 36 13.23 -7.58 11.01
C ASP B 36 14.32 -6.50 10.95
N ALA B 37 14.48 -5.86 9.78
CA ALA B 37 15.41 -4.73 9.61
C ALA B 37 14.89 -3.54 10.41
N PHE B 38 13.57 -3.33 10.43
CA PHE B 38 12.97 -2.25 11.24
C PHE B 38 13.18 -2.52 12.76
N GLN B 39 12.94 -3.77 13.16
CA GLN B 39 13.07 -4.24 14.55
CA GLN B 39 13.07 -4.18 14.56
C GLN B 39 14.52 -4.10 15.03
N GLU B 40 15.47 -4.58 14.22
CA GLU B 40 16.89 -4.51 14.56
C GLU B 40 17.33 -3.05 14.73
N ASN B 41 16.77 -2.16 13.90
CA ASN B 41 17.06 -0.72 13.96
C ASN B 41 16.14 0.09 14.90
N LYS B 42 15.29 -0.57 15.68
CA LYS B 42 14.38 0.08 16.63
C LYS B 42 13.55 1.25 16.04
N VAL B 43 12.97 1.04 14.87
CA VAL B 43 12.19 2.09 14.22
C VAL B 43 11.00 2.48 15.10
N SER B 44 10.91 3.80 15.29
CA SER B 44 9.93 4.44 16.13
CA SER B 44 9.92 4.45 16.12
C SER B 44 9.27 5.57 15.36
N ASP B 45 8.12 6.03 15.86
CA ASP B 45 7.40 7.15 15.23
C ASP B 45 8.26 8.43 15.31
N PHE B 46 9.16 8.47 16.29
CA PHE B 46 10.18 9.50 16.44
C PHE B 46 11.06 9.63 15.19
N HIS B 47 11.26 8.54 14.45
CA HIS B 47 12.08 8.55 13.21
C HIS B 47 11.36 9.13 11.97
N PHE B 48 10.11 9.52 12.10
CA PHE B 48 9.38 10.13 10.96
C PHE B 48 9.34 11.66 11.01
N HIS B 49 9.86 12.25 12.10
CA HIS B 49 9.88 13.70 12.28
C HIS B 49 10.76 14.39 11.26
N PRO B 50 10.29 15.52 10.68
CA PRO B 50 11.09 16.27 9.73
C PRO B 50 12.28 17.00 10.34
N SER B 51 13.35 17.16 9.56
CA SER B 51 14.51 17.94 9.92
C SER B 51 14.51 19.08 8.91
N THR B 52 15.08 20.21 9.31
CA THR B 52 15.16 21.40 8.46
C THR B 52 16.60 21.89 8.39
N GLY B 53 16.84 22.95 7.63
CA GLY B 53 18.15 23.56 7.49
C GLY B 53 19.22 22.63 6.99
N TYR B 54 20.34 22.57 7.71
CA TYR B 54 21.46 21.67 7.33
C TYR B 54 21.14 20.18 7.46
N GLY B 55 20.13 19.83 8.25
CA GLY B 55 19.77 18.44 8.46
C GLY B 55 20.77 17.67 9.30
N TYR B 56 21.53 18.36 10.15
CA TYR B 56 22.51 17.64 10.99
C TYR B 56 21.76 16.87 12.07
N ASP B 57 22.30 15.72 12.42
CA ASP B 57 21.74 14.86 13.47
C ASP B 57 20.32 14.40 13.21
N ASP B 58 19.98 14.14 11.95
CA ASP B 58 18.65 13.67 11.62
C ASP B 58 18.65 12.17 11.81
N GLU B 59 18.12 11.71 12.94
CA GLU B 59 18.09 10.29 13.26
C GLU B 59 17.13 9.52 12.40
N GLY B 60 16.04 10.16 11.99
CA GLY B 60 15.09 9.54 11.10
C GLY B 60 15.76 9.17 9.80
N ARG B 61 16.51 10.11 9.24
CA ARG B 61 17.22 9.90 7.96
C ARG B 61 18.25 8.80 8.12
N ASP B 62 19.07 8.93 9.16
CA ASP B 62 20.13 7.95 9.44
C ASP B 62 19.59 6.54 9.68
N THR B 63 18.49 6.44 10.40
CA THR B 63 17.84 5.16 10.68
C THR B 63 17.25 4.52 9.41
N LEU B 64 16.67 5.33 8.51
CA LEU B 64 16.13 4.80 7.27
C LEU B 64 17.29 4.19 6.51
N GLU B 65 18.41 4.92 6.48
CA GLU B 65 19.62 4.46 5.78
C GLU B 65 20.15 3.17 6.36
N ARG B 66 20.15 3.08 7.70
CA ARG B 66 20.60 1.84 8.33
C ARG B 66 19.63 0.67 8.05
N VAL B 67 18.33 0.95 7.94
CA VAL B 67 17.33 -0.09 7.63
C VAL B 67 17.60 -0.63 6.22
N TYR B 68 17.78 0.25 5.24
CA TYR B 68 18.17 -0.17 3.89
C TYR B 68 19.50 -1.00 3.92
N ALA B 69 20.49 -0.52 4.64
CA ALA B 69 21.76 -1.24 4.73
C ALA B 69 21.52 -2.67 5.27
N THR B 70 20.64 -2.81 6.25
CA THR B 70 20.34 -4.14 6.82
C THR B 70 19.61 -5.08 5.84
N VAL B 71 18.64 -4.52 5.11
CA VAL B 71 17.87 -5.29 4.13
C VAL B 71 18.79 -5.75 3.01
N PHE B 72 19.54 -4.82 2.41
CA PHE B 72 20.44 -5.13 1.32
C PHE B 72 21.76 -5.80 1.75
N LYS B 73 21.96 -6.05 3.04
CA LYS B 73 23.18 -6.72 3.53
C LYS B 73 24.43 -5.90 3.26
N THR B 74 24.37 -4.59 3.42
CA THR B 74 25.56 -3.77 3.19
C THR B 74 25.89 -3.05 4.47
N GLU B 75 27.09 -2.52 4.54
CA GLU B 75 27.56 -1.78 5.71
C GLU B 75 26.89 -0.43 5.86
N ALA B 76 26.45 0.18 4.74
CA ALA B 76 25.83 1.46 4.83
C ALA B 76 25.01 1.74 3.56
N ALA B 77 24.28 2.84 3.60
CA ALA B 77 23.40 3.24 2.48
C ALA B 77 23.18 4.70 2.54
N LEU B 78 22.70 5.23 1.41
CA LEU B 78 22.39 6.61 1.21
C LEU B 78 20.98 6.54 0.56
N VAL B 79 19.94 7.05 1.25
CA VAL B 79 18.55 6.98 0.79
C VAL B 79 18.01 8.36 1.09
N ARG B 80 17.86 9.18 0.05
CA ARG B 80 17.51 10.59 0.22
C ARG B 80 16.79 11.26 -0.93
N PRO B 81 15.93 12.26 -0.62
CA PRO B 81 15.27 13.08 -1.64
C PRO B 81 16.31 13.91 -2.43
N GLN B 82 17.45 14.21 -1.78
CA GLN B 82 18.59 14.88 -2.39
C GLN B 82 19.10 14.11 -3.64
N ILE B 83 18.86 12.80 -3.73
CA ILE B 83 19.18 11.97 -4.91
C ILE B 83 17.86 12.05 -5.64
N ILE B 84 17.85 12.58 -6.86
CA ILE B 84 16.60 12.84 -7.56
C ILE B 84 16.04 11.76 -8.48
N SER B 85 16.82 10.71 -8.76
CA SER B 85 16.36 9.65 -9.62
C SER B 85 17.30 8.46 -9.50
N GLY B 86 16.99 7.39 -10.23
CA GLY B 86 17.86 6.22 -10.30
C GLY B 86 19.17 6.60 -10.99
N THR B 87 19.07 7.38 -12.08
CA THR B 87 20.22 7.85 -12.80
C THR B 87 21.17 8.71 -11.98
N HIS B 88 20.63 9.62 -11.18
CA HIS B 88 21.42 10.48 -10.31
C HIS B 88 22.13 9.62 -9.26
N ALA B 89 21.47 8.58 -8.79
CA ALA B 89 22.08 7.66 -7.80
C ALA B 89 23.27 6.91 -8.44
N ILE B 90 23.07 6.46 -9.67
CA ILE B 90 24.08 5.72 -10.41
C ILE B 90 25.26 6.63 -10.70
N SER B 91 24.94 7.81 -11.23
CA SER B 91 25.96 8.79 -11.51
C SER B 91 26.74 9.22 -10.24
N THR B 92 26.07 9.28 -9.11
CA THR B 92 26.75 9.62 -7.82
C THR B 92 27.76 8.54 -7.44
N VAL B 93 27.46 7.30 -7.79
CA VAL B 93 28.37 6.17 -7.54
C VAL B 93 29.60 6.31 -8.45
N LEU B 94 29.37 6.62 -9.73
CA LEU B 94 30.46 6.72 -10.70
C LEU B 94 31.42 7.89 -10.39
N PHE B 95 30.90 9.11 -10.21
CA PHE B 95 31.79 10.24 -9.87
C PHE B 95 32.31 10.17 -8.43
N GLY B 96 31.56 9.52 -7.57
CA GLY B 96 31.97 9.39 -6.18
C GLY B 96 33.24 8.59 -5.98
N ILE B 97 33.38 7.49 -6.73
CA ILE B 97 34.50 6.56 -6.60
C ILE B 97 35.57 6.71 -7.68
N LEU B 98 35.16 7.04 -8.91
CA LEU B 98 36.15 7.15 -10.01
C LEU B 98 36.92 8.48 -9.99
N ARG B 99 38.20 8.39 -10.38
CA ARG B 99 39.12 9.51 -10.44
C ARG B 99 39.89 9.51 -11.78
N PRO B 100 40.51 10.65 -12.14
CA PRO B 100 41.26 10.72 -13.39
C PRO B 100 42.26 9.54 -13.57
N ASP B 101 42.18 8.96 -14.75
CA ASP B 101 42.97 7.80 -15.21
C ASP B 101 42.37 6.42 -14.81
N ASP B 102 41.26 6.42 -14.07
CA ASP B 102 40.59 5.15 -13.77
C ASP B 102 39.72 4.82 -14.97
N GLU B 103 39.43 3.53 -15.09
CA GLU B 103 38.58 3.00 -16.14
CA GLU B 103 38.57 2.98 -16.14
C GLU B 103 37.39 2.28 -15.49
N LEU B 104 36.24 2.39 -16.16
CA LEU B 104 34.98 1.76 -15.77
C LEU B 104 34.69 0.81 -16.90
N LEU B 105 34.43 -0.46 -16.58
CA LEU B 105 34.10 -1.46 -17.60
C LEU B 105 32.72 -2.07 -17.37
N TYR B 106 31.78 -1.76 -18.26
CA TYR B 106 30.44 -2.35 -18.23
C TYR B 106 30.49 -3.70 -18.93
N ILE B 107 30.33 -4.77 -18.17
CA ILE B 107 30.44 -6.14 -18.68
C ILE B 107 29.13 -6.77 -19.20
N THR B 108 28.00 -6.09 -19.02
CA THR B 108 26.68 -6.57 -19.41
C THR B 108 26.15 -5.90 -20.70
N GLY B 109 27.05 -5.47 -21.59
CA GLY B 109 26.65 -4.79 -22.84
C GLY B 109 26.49 -3.30 -22.61
N GLN B 110 26.01 -2.60 -23.65
CA GLN B 110 25.78 -1.16 -23.56
C GLN B 110 24.64 -0.91 -22.58
N PRO B 111 24.82 -0.01 -21.59
CA PRO B 111 23.80 0.26 -20.59
C PRO B 111 22.69 1.12 -21.14
N TYR B 112 21.66 1.36 -20.32
CA TYR B 112 20.51 2.19 -20.75
C TYR B 112 20.99 3.58 -21.22
N ASP B 113 20.36 4.07 -22.29
CA ASP B 113 20.74 5.34 -22.97
C ASP B 113 21.31 6.49 -22.14
N THR B 114 20.61 6.88 -21.08
CA THR B 114 21.05 8.02 -20.26
C THR B 114 22.46 7.89 -19.72
N LEU B 115 22.93 6.67 -19.45
CA LEU B 115 24.28 6.49 -18.94
CA LEU B 115 24.30 6.49 -18.96
C LEU B 115 25.30 6.91 -20.02
N GLU B 116 24.91 6.81 -21.30
CA GLU B 116 25.77 7.21 -22.41
C GLU B 116 26.21 8.66 -22.22
N GLU B 117 25.30 9.50 -21.75
CA GLU B 117 25.58 10.89 -21.48
C GLU B 117 26.49 11.03 -20.24
N ILE B 118 26.16 10.33 -19.17
CA ILE B 118 26.96 10.39 -17.95
C ILE B 118 28.43 9.99 -18.20
N VAL B 119 28.65 8.92 -18.97
CA VAL B 119 30.01 8.43 -19.26
C VAL B 119 30.76 9.32 -20.27
N GLY B 120 30.03 9.97 -21.18
CA GLY B 120 30.64 10.86 -22.17
C GLY B 120 30.51 10.48 -23.64
N ILE B 121 29.82 9.37 -23.93
CA ILE B 121 29.59 8.88 -25.30
C ILE B 121 28.80 9.91 -26.11
N ARG B 122 27.78 10.46 -25.47
CA ARG B 122 26.93 11.53 -26.02
C ARG B 122 27.09 12.69 -25.03
N LYS B 123 26.73 13.89 -25.47
CA LYS B 123 26.81 15.11 -24.62
C LYS B 123 28.21 15.40 -24.00
N GLN B 124 29.24 15.51 -24.83
CA GLN B 124 30.59 15.82 -24.33
C GLN B 124 30.67 17.29 -23.88
N GLY B 125 31.53 17.58 -22.90
CA GLY B 125 31.68 18.94 -22.36
C GLY B 125 30.69 19.34 -21.27
N GLN B 126 29.72 18.48 -20.98
CA GLN B 126 28.71 18.73 -19.94
C GLN B 126 29.13 18.25 -18.55
N GLY B 127 30.37 17.78 -18.38
CA GLY B 127 30.86 17.27 -17.07
C GLY B 127 30.78 15.77 -16.91
N SER B 128 30.88 15.05 -18.02
CA SER B 128 30.84 13.60 -18.02
C SER B 128 32.11 13.01 -17.44
N LEU B 129 32.13 11.70 -17.26
CA LEU B 129 33.34 11.00 -16.80
C LEU B 129 34.56 11.28 -17.69
N LYS B 130 34.36 11.35 -19.02
CA LYS B 130 35.43 11.65 -19.97
C LYS B 130 35.99 13.04 -19.72
N ASP B 131 35.11 14.02 -19.48
CA ASP B 131 35.53 15.40 -19.22
C ASP B 131 36.47 15.49 -17.99
N PHE B 132 36.31 14.56 -17.04
CA PHE B 132 37.18 14.46 -15.85
C PHE B 132 38.25 13.35 -15.97
N HIS B 133 38.61 13.03 -17.22
CA HIS B 133 39.63 12.04 -17.55
C HIS B 133 39.46 10.63 -16.94
N ILE B 134 38.21 10.18 -16.85
CA ILE B 134 37.84 8.85 -16.41
C ILE B 134 37.40 8.09 -17.67
N GLY B 135 38.00 6.92 -17.91
CA GLY B 135 37.68 6.12 -19.07
C GLY B 135 36.49 5.19 -18.90
N TYR B 136 35.90 4.82 -20.03
CA TYR B 136 34.79 3.91 -20.05
C TYR B 136 34.77 3.08 -21.33
N SER B 137 34.29 1.85 -21.19
CA SER B 137 34.05 0.95 -22.31
C SER B 137 33.09 -0.12 -21.81
N SER B 138 32.38 -0.75 -22.74
CA SER B 138 31.45 -1.86 -22.44
C SER B 138 31.85 -3.09 -23.28
N VAL B 139 31.49 -4.27 -22.79
CA VAL B 139 31.79 -5.56 -23.42
C VAL B 139 30.47 -6.03 -24.00
N PRO B 140 30.36 -6.13 -25.35
CA PRO B 140 29.07 -6.56 -25.86
C PRO B 140 28.68 -7.98 -25.42
N LEU B 141 27.39 -8.23 -25.31
CA LEU B 141 26.89 -9.55 -24.94
C LEU B 141 26.92 -10.47 -26.14
N LEU B 142 26.92 -11.77 -25.87
CA LEU B 142 26.87 -12.78 -26.91
C LEU B 142 25.45 -12.80 -27.50
N GLU B 143 25.34 -13.38 -28.70
CA GLU B 143 24.05 -13.46 -29.44
C GLU B 143 22.87 -13.93 -28.57
N ASN B 144 23.12 -14.87 -27.67
CA ASN B 144 22.08 -15.40 -26.75
C ASN B 144 21.82 -14.60 -25.46
N GLY B 145 22.55 -13.51 -25.23
CA GLY B 145 22.36 -12.70 -24.01
C GLY B 145 23.32 -13.01 -22.86
N ASP B 146 24.13 -14.06 -22.99
CA ASP B 146 25.13 -14.34 -21.92
C ASP B 146 26.25 -13.32 -22.09
N VAL B 147 26.99 -13.07 -20.99
CA VAL B 147 28.13 -12.16 -21.07
C VAL B 147 29.27 -12.89 -21.78
N ASP B 148 30.23 -12.12 -22.28
CA ASP B 148 31.38 -12.67 -23.03
C ASP B 148 32.59 -12.72 -22.11
N PHE B 149 32.74 -13.80 -21.37
CA PHE B 149 33.84 -13.94 -20.41
C PHE B 149 35.26 -13.77 -20.97
N PRO B 150 35.56 -14.37 -22.15
CA PRO B 150 36.93 -14.15 -22.62
C PRO B 150 37.22 -12.71 -23.02
N ARG B 151 36.22 -12.01 -23.55
CA ARG B 151 36.37 -10.60 -23.92
C ARG B 151 36.42 -9.72 -22.67
N ILE B 152 35.63 -10.07 -21.66
CA ILE B 152 35.69 -9.36 -20.37
C ILE B 152 37.12 -9.39 -19.86
N ALA B 153 37.72 -10.58 -19.84
CA ALA B 153 39.13 -10.78 -19.38
C ALA B 153 40.11 -9.93 -20.18
N LYS B 154 39.90 -9.87 -21.49
CA LYS B 154 40.78 -9.10 -22.37
C LYS B 154 40.69 -7.59 -22.13
N LYS B 155 39.49 -7.08 -21.83
CA LYS B 155 39.30 -5.62 -21.64
C LYS B 155 39.58 -5.09 -20.23
N THR B 157 42.09 -4.10 -17.52
CA THR B 157 43.47 -3.65 -17.53
C THR B 157 43.85 -3.31 -16.08
N PRO B 158 45.11 -2.92 -15.82
CA PRO B 158 45.45 -2.51 -14.44
C PRO B 158 44.78 -1.17 -14.02
N LYS B 159 44.23 -0.42 -15.00
CA LYS B 159 43.52 0.82 -14.76
C LYS B 159 42.00 0.63 -14.53
N THR B 160 41.52 -0.63 -14.54
CA THR B 160 40.10 -0.90 -14.37
C THR B 160 39.78 -0.85 -12.88
N LYS B 161 39.17 0.25 -12.43
CA LYS B 161 38.81 0.37 -11.01
C LYS B 161 37.47 -0.25 -10.66
N ILE B 163 33.81 -2.41 -12.28
CA ILE B 163 33.08 -3.25 -13.20
C ILE B 163 31.62 -2.87 -12.98
N GLY B 164 30.95 -2.46 -14.05
CA GLY B 164 29.55 -2.13 -13.96
C GLY B 164 28.73 -3.32 -14.43
N ILE B 165 27.61 -3.57 -13.76
CA ILE B 165 26.70 -4.64 -14.10
C ILE B 165 25.29 -4.09 -14.05
N GLN B 166 24.61 -4.12 -15.21
CA GLN B 166 23.22 -3.71 -15.29
C GLN B 166 22.37 -5.00 -15.21
N ARG B 167 21.67 -5.15 -14.09
CA ARG B 167 20.84 -6.33 -13.80
C ARG B 167 19.65 -6.45 -14.75
N SER B 168 18.85 -5.39 -14.79
CA SER B 168 17.67 -5.33 -15.66
C SER B 168 18.04 -4.98 -17.09
N ARG B 169 17.33 -5.59 -18.02
CA ARG B 169 17.48 -5.36 -19.45
C ARG B 169 17.17 -3.95 -19.98
N GLY B 170 16.26 -3.23 -19.33
CA GLY B 170 15.87 -1.91 -19.84
C GLY B 170 15.17 -2.17 -21.16
N TYR B 171 15.56 -1.45 -22.21
CA TYR B 171 15.01 -1.64 -23.57
C TYR B 171 15.85 -2.62 -24.40
N ALA B 172 16.95 -3.10 -23.83
CA ALA B 172 17.79 -4.03 -24.57
C ALA B 172 16.98 -5.28 -24.90
N ASP B 173 17.37 -5.91 -25.99
CA ASP B 173 16.71 -7.11 -26.42
C ASP B 173 17.57 -8.25 -25.93
N ARG B 174 17.66 -8.38 -24.60
CA ARG B 174 18.40 -9.43 -23.93
C ARG B 174 17.71 -9.71 -22.60
N PRO B 175 17.93 -10.91 -22.03
CA PRO B 175 17.31 -11.18 -20.73
C PRO B 175 18.00 -10.47 -19.56
N SER B 176 17.19 -10.11 -18.58
CA SER B 176 17.69 -9.49 -17.36
C SER B 176 18.52 -10.58 -16.69
N PHE B 177 19.57 -10.21 -15.98
CA PHE B 177 20.44 -11.17 -15.32
C PHE B 177 20.02 -11.49 -13.91
N THR B 178 19.81 -12.78 -13.66
CA THR B 178 19.40 -13.28 -12.38
C THR B 178 20.51 -13.10 -11.35
N ILE B 179 20.18 -13.19 -10.08
CA ILE B 179 21.21 -13.09 -9.03
C ILE B 179 22.33 -14.11 -9.28
N GLU B 180 21.96 -15.36 -9.58
CA GLU B 180 22.93 -16.42 -9.82
C GLU B 180 23.92 -16.06 -10.94
N LYS B 181 23.40 -15.49 -12.06
CA LYS B 181 24.25 -15.06 -13.17
C LYS B 181 25.16 -13.94 -12.75
N ILE B 182 24.66 -13.03 -11.91
CA ILE B 182 25.46 -11.94 -11.39
C ILE B 182 26.59 -12.49 -10.51
N LYS B 183 26.28 -13.46 -9.66
CA LYS B 183 27.30 -14.09 -8.80
C LYS B 183 28.44 -14.65 -9.68
N GLU B 184 28.05 -15.39 -10.71
CA GLU B 184 29.01 -15.96 -11.64
C GLU B 184 29.93 -14.90 -12.22
N ILE B 186 30.59 -11.91 -11.00
CA ILE B 186 31.37 -11.35 -9.87
C ILE B 186 32.56 -12.25 -9.52
N VAL B 187 32.35 -13.56 -9.38
CA VAL B 187 33.47 -14.49 -9.07
C VAL B 187 34.55 -14.40 -10.17
N PHE B 188 34.12 -14.33 -11.43
CA PHE B 188 35.03 -14.22 -12.59
C PHE B 188 35.91 -12.97 -12.53
N VAL B 189 35.30 -11.79 -12.41
CA VAL B 189 36.11 -10.54 -12.40
C VAL B 189 37.01 -10.41 -11.16
N LYS B 190 36.52 -10.87 -10.01
CA LYS B 190 37.29 -10.85 -8.76
C LYS B 190 38.45 -11.85 -8.81
N ASN B 191 38.32 -12.93 -9.60
CA ASN B 191 39.44 -13.87 -9.77
C ASN B 191 40.55 -13.20 -10.53
N ILE B 192 40.19 -12.47 -11.59
CA ILE B 192 41.16 -11.74 -12.40
C ILE B 192 41.82 -10.60 -11.62
N ASN B 193 41.00 -9.75 -10.96
CA ASN B 193 41.48 -8.62 -10.16
C ASN B 193 40.65 -8.51 -8.87
N PRO B 194 41.16 -9.09 -7.74
CA PRO B 194 40.38 -9.04 -6.52
C PRO B 194 40.11 -7.65 -5.93
N GLU B 195 40.85 -6.65 -6.38
CA GLU B 195 40.69 -5.30 -5.90
C GLU B 195 39.67 -4.50 -6.72
N VAL B 196 39.12 -5.07 -7.80
CA VAL B 196 38.16 -4.33 -8.63
C VAL B 196 36.85 -4.17 -7.86
N ILE B 197 36.26 -2.99 -7.97
CA ILE B 197 35.02 -2.65 -7.28
C ILE B 197 33.86 -3.06 -8.17
N VAL B 198 32.96 -3.88 -7.66
CA VAL B 198 31.82 -4.29 -8.46
C VAL B 198 30.60 -3.44 -8.09
N PHE B 199 30.03 -2.83 -9.12
CA PHE B 199 28.85 -2.02 -9.01
C PHE B 199 27.70 -2.61 -9.83
N VAL B 200 26.55 -2.76 -9.19
CA VAL B 200 25.36 -3.26 -9.85
C VAL B 200 24.22 -2.22 -9.87
N ASP B 201 23.79 -1.83 -11.07
CA ASP B 201 22.61 -1.01 -11.27
C ASP B 201 21.51 -2.01 -10.97
N ASN B 202 20.80 -1.81 -9.85
CA ASN B 202 19.82 -2.78 -9.34
C ASN B 202 18.36 -2.45 -9.62
N CYS B 203 18.11 -1.38 -10.38
CA CYS B 203 16.73 -0.97 -10.70
C CYS B 203 15.85 -2.09 -11.23
N TYR B 204 14.63 -2.15 -10.67
CA TYR B 204 13.58 -3.14 -10.97
C TYR B 204 13.76 -4.54 -10.37
N GLY B 205 14.89 -4.81 -9.75
CA GLY B 205 15.14 -6.11 -9.22
C GLY B 205 14.95 -6.27 -7.72
N GLU B 206 14.69 -5.16 -7.03
CA GLU B 206 14.57 -5.21 -5.56
C GLU B 206 13.36 -6.02 -5.13
N PHE B 207 13.64 -6.99 -4.24
CA PHE B 207 12.66 -7.93 -3.66
C PHE B 207 12.08 -9.01 -4.57
N VAL B 208 12.50 -9.05 -5.86
CA VAL B 208 12.03 -10.05 -6.82
C VAL B 208 12.61 -11.44 -6.50
N GLU B 209 13.85 -11.49 -6.01
CA GLU B 209 14.47 -12.73 -5.59
C GLU B 209 14.73 -12.69 -4.04
N TYR B 210 15.15 -13.82 -3.50
CA TYR B 210 15.50 -13.95 -2.06
C TYR B 210 16.73 -13.14 -1.68
N GLN B 211 17.63 -12.98 -2.64
CA GLN B 211 18.88 -12.24 -2.46
C GLN B 211 18.98 -10.98 -3.28
N GLU B 212 19.91 -10.11 -2.88
CA GLU B 212 20.23 -8.88 -3.63
C GLU B 212 21.70 -9.00 -4.00
N PRO B 213 22.20 -8.14 -4.89
CA PRO B 213 23.61 -8.31 -5.30
C PRO B 213 24.74 -8.23 -4.24
N PRO B 214 24.62 -7.36 -3.21
CA PRO B 214 25.75 -7.34 -2.24
C PRO B 214 26.03 -8.68 -1.60
N GLU B 215 25.01 -9.46 -1.28
CA GLU B 215 25.25 -10.77 -0.66
C GLU B 215 25.93 -11.77 -1.59
N VAL B 216 25.88 -11.57 -2.92
CA VAL B 216 26.59 -12.44 -3.86
C VAL B 216 27.91 -11.78 -4.32
N GLY B 217 28.39 -10.78 -3.58
CA GLY B 217 29.67 -10.12 -3.87
C GLY B 217 29.74 -8.73 -4.47
N ALA B 218 28.60 -8.07 -4.69
CA ALA B 218 28.64 -6.70 -5.21
C ALA B 218 29.09 -5.79 -4.07
N ASP B 219 29.98 -4.87 -4.40
CA ASP B 219 30.51 -3.90 -3.47
C ASP B 219 29.57 -2.72 -3.31
N ILE B 220 28.88 -2.31 -4.37
CA ILE B 220 27.99 -1.19 -4.25
C ILE B 220 26.89 -1.34 -5.26
N ILE B 221 25.67 -0.94 -4.85
CA ILE B 221 24.52 -0.95 -5.71
C ILE B 221 23.79 0.39 -5.65
N ALA B 222 22.95 0.63 -6.65
CA ALA B 222 22.14 1.83 -6.74
C ALA B 222 20.80 1.53 -7.41
N GLY B 223 19.82 2.37 -7.14
CA GLY B 223 18.49 2.21 -7.72
C GLY B 223 17.61 3.41 -7.47
N SER B 224 16.37 3.29 -7.97
CA SER B 224 15.36 4.34 -7.93
C SER B 224 14.25 4.11 -6.95
N LEU B 225 13.87 5.15 -6.21
CA LEU B 225 12.78 5.03 -5.21
C LEU B 225 11.39 5.08 -5.79
N ILE B 226 11.26 5.49 -7.05
CA ILE B 226 9.94 5.48 -7.70
C ILE B 226 9.69 4.17 -8.50
N ASN B 228 10.54 -0.35 -7.41
CA ASN B 228 10.34 -1.34 -6.33
C ASN B 228 10.48 -0.87 -4.86
N PRO B 229 11.64 -0.29 -4.50
CA PRO B 229 11.82 0.02 -3.05
C PRO B 229 10.92 1.10 -2.47
N GLY B 230 10.31 1.94 -3.32
CA GLY B 230 9.43 2.96 -2.86
C GLY B 230 8.07 2.48 -2.42
N GLY B 231 7.73 1.25 -2.74
CA GLY B 231 6.44 0.69 -2.40
C GLY B 231 5.26 1.42 -3.05
N GLY B 232 5.54 2.28 -4.03
CA GLY B 232 4.51 3.13 -4.65
C GLY B 232 4.26 4.39 -3.81
N LEU B 233 4.92 4.53 -2.64
CA LEU B 233 4.68 5.70 -1.75
C LEU B 233 5.73 6.80 -1.80
N ALA B 234 7.00 6.46 -2.11
CA ALA B 234 8.09 7.44 -2.19
C ALA B 234 7.79 8.41 -3.35
N LYS B 235 7.80 9.70 -3.08
CA LYS B 235 7.47 10.73 -4.09
C LYS B 235 8.60 11.03 -5.04
N THR B 236 9.81 10.67 -4.65
CA THR B 236 10.98 10.90 -5.48
C THR B 236 12.17 10.21 -4.87
N GLY B 237 13.28 10.20 -5.60
CA GLY B 237 14.52 9.69 -5.06
C GLY B 237 15.20 8.50 -5.66
N GLY B 238 16.32 8.17 -5.02
CA GLY B 238 17.16 7.06 -5.36
C GLY B 238 17.88 6.60 -4.09
N TYR B 239 18.56 5.46 -4.18
CA TYR B 239 19.31 4.92 -3.04
C TYR B 239 20.62 4.38 -3.55
N ILE B 240 21.58 4.26 -2.62
CA ILE B 240 22.88 3.71 -2.87
C ILE B 240 23.15 2.85 -1.61
N ALA B 241 23.60 1.61 -1.79
CA ALA B 241 23.92 0.74 -0.67
C ALA B 241 25.21 0.04 -1.03
N GLY B 242 26.10 -0.11 -0.03
CA GLY B 242 27.38 -0.76 -0.23
C GLY B 242 28.32 -0.58 0.96
N LYS B 243 29.63 -0.80 0.73
CA LYS B 243 30.67 -0.67 1.78
C LYS B 243 30.73 0.75 2.31
N GLU B 244 31.09 0.90 3.58
CA GLU B 244 31.08 2.21 4.23
C GLU B 244 31.90 3.30 3.58
N ALA B 245 33.16 2.98 3.25
CA ALA B 245 34.02 3.94 2.64
C ALA B 245 33.49 4.34 1.24
N LEU B 246 32.88 3.41 0.53
CA LEU B 246 32.34 3.74 -0.81
C LEU B 246 31.08 4.63 -0.71
N VAL B 247 30.24 4.36 0.29
CA VAL B 247 29.05 5.19 0.54
C VAL B 247 29.52 6.59 1.01
N ASP B 248 30.55 6.67 1.86
CA ASP B 248 31.09 7.97 2.24
C ASP B 248 31.51 8.80 1.00
N LEU B 249 32.18 8.14 0.03
CA LEU B 249 32.65 8.82 -1.18
C LEU B 249 31.48 9.30 -2.03
N CYS B 250 30.40 8.51 -2.05
CA CYS B 250 29.17 8.87 -2.77
C CYS B 250 28.58 10.11 -2.13
N GLY B 251 28.63 10.18 -0.80
CA GLY B 251 28.11 11.31 -0.06
C GLY B 251 28.85 12.61 -0.27
N TYR B 252 30.17 12.53 -0.50
CA TYR B 252 30.95 13.75 -0.73
C TYR B 252 30.60 14.27 -2.11
N ARG B 253 30.25 13.38 -3.01
CA ARG B 253 29.83 13.78 -4.34
C ARG B 253 28.39 14.34 -4.30
N LEU B 254 27.51 13.73 -3.52
CA LEU B 254 26.10 14.14 -3.42
C LEU B 254 25.96 15.53 -2.81
N THR B 255 26.77 15.81 -1.77
CA THR B 255 26.80 17.13 -1.13
C THR B 255 28.16 17.76 -1.57
N THR B 256 29.15 17.76 -0.67
CA THR B 256 30.46 18.30 -0.96
C THR B 256 31.48 17.59 -0.10
N PRO B 257 32.77 17.67 -0.49
CA PRO B 257 33.84 17.13 0.38
C PRO B 257 33.83 17.89 1.71
N GLY B 258 34.19 17.21 2.78
CA GLY B 258 34.20 17.80 4.10
C GLY B 258 32.91 17.48 4.82
N ILE B 259 31.79 17.84 4.21
CA ILE B 259 30.44 17.67 4.76
C ILE B 259 29.94 16.23 4.55
N GLY B 260 29.70 15.87 3.29
CA GLY B 260 29.26 14.54 2.96
C GLY B 260 27.86 14.16 3.37
N ARG B 261 27.67 12.90 3.74
CA ARG B 261 26.35 12.38 4.08
C ARG B 261 25.77 12.85 5.44
N GLU B 262 26.56 13.53 6.25
CA GLU B 262 26.04 14.06 7.51
C GLU B 262 25.01 15.21 7.32
N ALA B 263 24.96 15.82 6.14
CA ALA B 263 24.04 16.92 5.86
C ALA B 263 23.03 16.57 4.81
N GLY B 264 21.88 17.26 4.86
CA GLY B 264 20.77 17.09 3.94
C GLY B 264 19.46 16.91 4.68
N ALA B 265 18.70 18.01 4.82
CA ALA B 265 17.40 18.03 5.48
C ALA B 265 16.42 17.04 4.84
N SER B 266 15.73 16.28 5.68
CA SER B 266 14.79 15.27 5.22
C SER B 266 13.42 15.85 4.88
N LEU B 267 13.09 16.99 5.49
CA LEU B 267 11.81 17.66 5.27
C LEU B 267 10.65 16.68 5.58
N TYR B 268 9.63 16.55 4.73
CA TYR B 268 8.51 15.66 5.06
C TYR B 268 8.56 14.27 4.39
N SER B 269 9.69 13.89 3.82
CA SER B 269 9.77 12.62 3.08
C SER B 269 9.99 11.32 3.88
N LEU B 270 10.29 11.38 5.18
CA LEU B 270 10.57 10.14 5.94
C LEU B 270 9.44 9.10 6.06
N LEU B 271 8.27 9.49 6.54
CA LEU B 271 7.17 8.53 6.74
C LEU B 271 6.87 7.66 5.54
N GLU B 272 6.74 8.30 4.36
CA GLU B 272 6.42 7.59 3.13
C GLU B 272 7.54 6.67 2.73
N TYR B 274 9.75 5.20 4.75
CA TYR B 274 9.72 4.03 5.62
C TYR B 274 8.55 3.10 5.23
N GLN B 275 7.35 3.64 5.22
CA GLN B 275 6.14 2.88 4.90
C GLN B 275 6.28 2.19 3.56
N GLY B 276 6.79 2.93 2.58
CA GLY B 276 6.98 2.39 1.24
C GLY B 276 7.93 1.22 1.22
N PHE B 277 9.04 1.34 1.96
CA PHE B 277 10.00 0.25 2.03
C PHE B 277 9.38 -0.96 2.68
N PHE B 278 8.58 -0.74 3.74
CA PHE B 278 7.90 -1.83 4.42
C PHE B 278 6.91 -2.51 3.45
N LEU B 279 6.23 -1.74 2.62
CA LEU B 279 5.30 -2.31 1.64
C LEU B 279 5.97 -2.89 0.39
N ALA B 280 7.21 -2.49 0.10
CA ALA B 280 7.95 -2.89 -1.14
C ALA B 280 7.90 -4.37 -1.56
N PRO B 281 8.27 -5.31 -0.65
CA PRO B 281 8.20 -6.75 -0.96
C PRO B 281 6.83 -7.21 -1.48
N HIS B 282 5.77 -6.74 -0.82
CA HIS B 282 4.41 -7.08 -1.16
C HIS B 282 3.99 -6.44 -2.51
N VAL B 283 4.34 -5.17 -2.73
CA VAL B 283 3.96 -4.44 -3.99
C VAL B 283 4.75 -4.98 -5.18
N THR B 284 6.03 -5.30 -4.95
CA THR B 284 6.88 -5.94 -5.96
C THR B 284 6.23 -7.26 -6.39
N ALA B 285 5.76 -8.05 -5.41
CA ALA B 285 5.06 -9.30 -5.72
C ALA B 285 3.83 -9.09 -6.63
N GLN B 286 3.09 -8.01 -6.40
CA GLN B 286 1.91 -7.71 -7.20
C GLN B 286 2.30 -7.49 -8.66
N ALA B 287 3.40 -6.76 -8.85
CA ALA B 287 3.98 -6.43 -10.14
C ALA B 287 4.46 -7.69 -10.89
N ILE B 288 5.10 -8.60 -10.16
CA ILE B 288 5.59 -9.87 -10.71
C ILE B 288 4.46 -10.81 -11.04
N LYS B 289 3.48 -10.93 -10.14
CA LYS B 289 2.34 -11.78 -10.42
C LYS B 289 1.56 -11.21 -11.66
N GLY B 290 1.48 -9.89 -11.77
CA GLY B 290 0.83 -9.24 -12.94
C GLY B 290 1.61 -9.45 -14.23
N ALA B 291 2.95 -9.48 -14.11
CA ALA B 291 3.84 -9.72 -15.25
C ALA B 291 3.63 -11.14 -15.78
N ARG B 292 3.56 -12.10 -14.87
CA ARG B 292 3.31 -13.48 -15.27
C ARG B 292 1.95 -13.65 -15.96
N PHE B 293 0.93 -12.99 -15.38
CA PHE B 293 -0.42 -13.00 -15.88
C PHE B 293 -0.46 -12.39 -17.29
N THR B 294 0.23 -11.27 -17.46
CA THR B 294 0.32 -10.58 -18.73
C THR B 294 1.00 -11.41 -19.79
N ALA B 295 2.13 -11.99 -19.42
CA ALA B 295 2.89 -12.86 -20.30
C ALA B 295 2.03 -14.03 -20.77
N ALA B 296 1.34 -14.67 -19.81
CA ALA B 296 0.48 -15.81 -20.10
C ALA B 296 -0.71 -15.42 -20.98
N LEU B 298 -1.15 -12.67 -23.01
CA LEU B 298 -0.78 -12.23 -24.36
CA LEU B 298 -0.73 -12.23 -24.34
C LEU B 298 -0.39 -13.46 -25.20
N ALA B 299 0.28 -14.45 -24.61
CA ALA B 299 0.62 -15.67 -25.34
C ALA B 299 -0.66 -16.38 -25.85
N GLU B 300 -1.77 -16.33 -25.10
CA GLU B 300 -3.04 -16.94 -25.51
C GLU B 300 -3.60 -16.42 -26.80
N PHE B 301 -3.35 -15.14 -27.07
CA PHE B 301 -3.83 -14.50 -28.28
C PHE B 301 -2.74 -14.36 -29.32
N GLY B 302 -1.68 -15.17 -29.19
CA GLY B 302 -0.60 -15.20 -30.15
C GLY B 302 0.54 -14.20 -30.05
N VAL B 303 0.41 -13.19 -29.19
CA VAL B 303 1.44 -12.15 -29.06
C VAL B 303 2.69 -12.68 -28.41
N GLU B 304 3.85 -12.38 -29.00
CA GLU B 304 5.13 -12.81 -28.46
C GLU B 304 5.38 -12.01 -27.21
N ALA B 305 5.84 -12.69 -26.16
CA ALA B 305 6.11 -12.10 -24.86
C ALA B 305 7.43 -12.63 -24.34
N ASP B 306 8.14 -11.81 -23.56
CA ASP B 306 9.46 -12.15 -23.02
C ASP B 306 9.74 -11.35 -21.73
N PRO B 307 9.99 -12.01 -20.59
CA PRO B 307 10.01 -13.44 -20.35
C PRO B 307 8.64 -14.10 -20.45
N VAL B 308 8.65 -15.38 -20.80
CA VAL B 308 7.40 -16.14 -20.91
C VAL B 308 6.87 -16.39 -19.51
N TRP B 309 5.60 -16.79 -19.43
CA TRP B 309 4.95 -16.96 -18.15
C TRP B 309 5.70 -17.88 -17.20
N ASP B 310 6.40 -18.89 -17.72
CA ASP B 310 7.13 -19.83 -16.85
C ASP B 310 8.66 -19.64 -16.80
N ALA B 311 9.15 -18.47 -17.20
CA ALA B 311 10.58 -18.18 -17.21
C ALA B 311 11.04 -17.76 -15.81
N PRO B 312 12.36 -17.84 -15.55
CA PRO B 312 12.83 -17.33 -14.26
C PRO B 312 12.62 -15.83 -14.22
N ARG B 313 12.35 -15.27 -13.04
CA ARG B 313 12.12 -13.81 -12.90
C ARG B 313 13.14 -13.20 -11.95
N THR B 314 13.77 -12.12 -12.39
CA THR B 314 14.71 -11.39 -11.52
C THR B 314 14.38 -9.88 -11.41
N ASP B 315 13.50 -9.38 -12.28
CA ASP B 315 13.09 -7.98 -12.25
C ASP B 315 11.63 -7.84 -12.74
N LEU B 316 11.09 -6.63 -12.69
CA LEU B 316 9.68 -6.40 -13.03
C LEU B 316 9.37 -6.36 -14.51
N ILE B 317 10.38 -6.28 -15.35
CA ILE B 317 10.17 -6.05 -16.79
C ILE B 317 9.44 -7.16 -17.57
N GLN B 318 8.47 -6.73 -18.39
CA GLN B 318 7.73 -7.64 -19.24
C GLN B 318 7.54 -7.00 -20.63
N SER B 319 8.17 -7.57 -21.66
CA SER B 319 8.06 -7.09 -23.06
C SER B 319 6.97 -7.88 -23.75
N VAL B 320 6.30 -7.26 -24.72
CA VAL B 320 5.20 -7.86 -25.45
C VAL B 320 5.30 -7.46 -26.92
N SER B 321 6.19 -8.16 -27.64
CA SER B 321 6.54 -7.91 -29.07
C SER B 321 5.47 -8.08 -30.13
N PHE B 322 4.90 -6.94 -30.54
CA PHE B 322 3.97 -6.90 -31.65
C PHE B 322 4.84 -6.76 -32.92
N HIS B 323 5.95 -6.00 -32.81
CA HIS B 323 6.93 -5.74 -33.85
C HIS B 323 6.34 -5.09 -35.09
N GLU B 326 2.69 0.27 -35.12
CA GLU B 326 1.32 0.73 -35.02
C GLU B 326 0.47 -0.27 -34.23
N LYS B 327 0.46 -1.53 -34.68
CA LYS B 327 -0.30 -2.64 -34.05
C LYS B 327 -0.43 -2.62 -32.50
N VAL B 329 -0.19 0.22 -30.61
CA VAL B 329 -0.76 1.52 -30.25
C VAL B 329 -2.03 1.37 -29.48
N ALA B 330 -2.95 0.57 -30.00
CA ALA B 330 -4.23 0.35 -29.31
C ALA B 330 -4.06 -0.35 -27.91
N PHE B 331 -2.88 -0.92 -27.61
CA PHE B 331 -2.60 -1.61 -26.34
C PHE B 331 -1.81 -0.72 -25.33
N ALA B 332 -0.82 0.06 -25.77
CA ALA B 332 -0.11 0.95 -24.83
C ALA B 332 -1.06 2.06 -24.39
N GLN B 333 -1.82 2.59 -25.36
CA GLN B 333 -2.82 3.60 -25.08
C GLN B 333 -3.95 2.99 -24.27
N ALA B 334 -4.18 1.69 -24.47
CA ALA B 334 -5.15 0.93 -23.70
C ALA B 334 -4.75 0.82 -22.19
N ILE B 335 -3.46 0.76 -21.93
CA ILE B 335 -2.95 0.68 -20.52
C ILE B 335 -3.20 2.01 -19.81
N GLN B 336 -2.80 3.12 -20.44
CA GLN B 336 -3.09 4.47 -19.92
C GLN B 336 -4.60 4.54 -19.63
N ALA B 337 -5.42 4.16 -20.60
CA ALA B 337 -6.89 4.17 -20.44
C ALA B 337 -7.44 3.27 -19.33
N ALA B 338 -6.64 2.36 -18.79
CA ALA B 338 -7.04 1.51 -17.65
C ALA B 338 -6.28 1.91 -16.39
N SER B 339 -5.81 3.16 -16.38
CA SER B 339 -5.06 3.70 -15.27
C SER B 339 -5.91 4.68 -14.46
N PRO B 340 -5.59 4.85 -13.16
CA PRO B 340 -6.36 5.78 -12.32
C PRO B 340 -6.20 7.26 -12.57
N VAL B 341 -5.02 7.71 -13.02
CA VAL B 341 -4.75 9.12 -13.19
C VAL B 341 -4.59 9.47 -14.70
N ASN B 342 -5.20 10.55 -15.14
CA ASN B 342 -5.11 10.99 -16.53
C ASN B 342 -5.40 9.86 -17.52
N ALA B 343 -6.41 9.05 -17.23
CA ALA B 343 -6.79 7.93 -18.09
C ALA B 343 -7.32 8.46 -19.46
N HIS B 344 -7.78 9.71 -19.49
CA HIS B 344 -8.31 10.40 -20.71
C HIS B 344 -7.23 11.08 -21.56
N VAL B 345 -5.98 11.10 -21.10
CA VAL B 345 -4.87 11.69 -21.85
C VAL B 345 -4.09 10.56 -22.56
N LEU B 346 -4.54 10.21 -23.79
CA LEU B 346 -3.97 9.12 -24.62
C LEU B 346 -2.55 9.45 -25.11
N PRO B 347 -1.51 8.72 -24.61
CA PRO B 347 -0.13 9.09 -24.99
C PRO B 347 0.29 8.88 -26.46
N ILE B 348 1.46 9.39 -26.79
CA ILE B 348 2.08 9.27 -28.11
C ILE B 348 3.60 9.38 -27.96
N GLY B 349 4.33 9.17 -29.05
CA GLY B 349 5.79 9.27 -29.05
C GLY B 349 6.25 10.71 -28.86
N ALA B 350 7.17 10.93 -27.92
CA ALA B 350 7.69 12.28 -27.64
C ALA B 350 9.06 12.29 -26.95
N TYR B 351 9.63 13.48 -26.78
CA TYR B 351 10.95 13.68 -26.15
C TYR B 351 11.00 13.20 -24.70
N PRO B 353 13.70 13.10 -21.90
CA PRO B 353 15.04 13.57 -21.47
C PRO B 353 16.03 12.49 -20.99
N GLY B 354 17.13 12.38 -21.74
CA GLY B 354 18.19 11.39 -21.53
C GLY B 354 18.12 10.20 -22.49
N TYR B 355 17.28 10.31 -23.52
CA TYR B 355 17.07 9.28 -24.53
C TYR B 355 17.03 9.96 -25.90
N GLU B 356 17.77 9.42 -26.86
CA GLU B 356 17.84 9.98 -28.22
C GLU B 356 16.61 9.65 -29.08
N ASP B 357 15.96 8.50 -28.86
CA ASP B 357 14.77 8.11 -29.66
C ASP B 357 13.55 8.96 -29.30
N ILE B 360 5.32 5.40 -27.10
CA ILE B 360 4.10 5.86 -26.44
C ILE B 360 4.12 5.43 -24.97
N ALA B 362 2.88 4.99 -21.43
CA ALA B 362 1.64 4.95 -20.65
C ALA B 362 2.09 5.17 -19.22
N ALA B 363 1.67 6.30 -18.65
CA ALA B 363 2.05 6.71 -17.32
C ALA B 363 0.90 7.40 -16.55
N GLY B 364 -0.26 6.76 -16.43
CA GLY B 364 -1.38 7.31 -15.65
C GLY B 364 -1.16 6.92 -14.17
N THR B 365 -0.30 7.67 -13.48
CA THR B 365 0.14 7.36 -12.10
C THR B 365 0.00 8.49 -11.05
N PHE B 366 0.00 8.09 -9.77
CA PHE B 366 -0.07 9.02 -8.64
C PHE B 366 1.15 9.90 -8.55
N ILE B 367 2.29 9.30 -8.86
CA ILE B 367 3.60 9.95 -8.82
CA ILE B 367 3.60 9.94 -8.80
C ILE B 367 4.15 9.98 -10.21
N GLN B 368 4.59 11.19 -10.64
CA GLN B 368 5.10 11.45 -11.98
C GLN B 368 6.28 10.57 -12.38
N GLY B 369 6.05 9.74 -13.38
CA GLY B 369 7.07 8.83 -13.88
C GLY B 369 7.35 7.61 -13.04
N ALA B 370 6.59 7.38 -11.96
CA ALA B 370 6.87 6.23 -11.09
C ALA B 370 6.49 5.01 -11.91
N SER B 371 7.26 3.94 -11.78
CA SER B 371 7.01 2.73 -12.59
C SER B 371 6.81 1.44 -11.78
N LEU B 372 6.68 1.55 -10.46
CA LEU B 372 6.25 0.40 -9.64
C LEU B 372 4.72 0.41 -9.84
N GLU B 373 4.17 1.55 -10.26
CA GLU B 373 2.74 1.68 -10.65
C GLU B 373 2.65 1.18 -12.10
N LEU B 374 1.44 0.80 -12.53
CA LEU B 374 1.26 0.22 -13.85
C LEU B 374 1.61 1.24 -14.92
N THR B 375 2.61 0.87 -15.74
CA THR B 375 3.13 1.69 -16.84
C THR B 375 3.36 0.83 -18.10
N ALA B 376 3.43 1.47 -19.27
CA ALA B 376 3.68 0.74 -20.53
C ALA B 376 4.33 1.65 -21.59
N ASP B 377 5.60 1.40 -21.90
CA ASP B 377 6.41 2.20 -22.85
C ASP B 377 7.19 1.36 -23.91
N GLY B 378 7.09 1.73 -25.20
CA GLY B 378 7.80 1.02 -26.29
C GLY B 378 7.69 1.60 -27.71
N GLN B 385 6.61 -4.22 -29.50
CA GLN B 385 7.32 -4.50 -28.24
C GLN B 385 7.18 -3.39 -27.21
N LEU B 386 6.12 -3.50 -26.44
CA LEU B 386 5.75 -2.58 -25.40
C LEU B 386 6.28 -3.19 -24.11
N TYR B 387 7.11 -2.47 -23.34
CA TYR B 387 7.57 -2.97 -22.03
C TYR B 387 6.50 -2.57 -21.00
N VAL B 388 5.63 -3.54 -20.65
CA VAL B 388 4.48 -3.36 -19.75
C VAL B 388 4.73 -3.92 -18.34
N GLN B 389 5.15 -3.05 -17.43
CA GLN B 389 5.48 -3.45 -16.05
C GLN B 389 4.77 -2.65 -14.97
N GLY B 390 5.00 -3.04 -13.71
CA GLY B 390 4.41 -2.35 -12.59
C GLY B 390 2.98 -2.74 -12.29
N GLY B 391 2.36 -2.02 -11.36
CA GLY B 391 0.99 -2.22 -10.91
C GLY B 391 1.03 -2.35 -9.39
N LEU B 392 0.43 -1.42 -8.65
CA LEU B 392 0.48 -1.48 -7.17
C LEU B 392 -0.35 -2.60 -6.57
N THR B 393 -1.31 -3.12 -7.34
CA THR B 393 -2.14 -4.24 -6.92
C THR B 393 -2.25 -5.24 -8.06
N TYR B 394 -2.25 -6.53 -7.71
CA TYR B 394 -2.41 -7.57 -8.71
C TYR B 394 -3.76 -7.40 -9.45
N GLU B 395 -4.77 -6.94 -8.71
CA GLU B 395 -6.11 -6.70 -9.23
C GLU B 395 -6.11 -5.68 -10.36
N HIS B 396 -5.42 -4.55 -10.16
CA HIS B 396 -5.37 -3.49 -11.16
C HIS B 396 -4.73 -3.99 -12.46
N ILE B 397 -3.69 -4.77 -12.30
CA ILE B 397 -2.96 -5.33 -13.44
C ILE B 397 -3.88 -6.28 -14.20
N LYS B 398 -4.59 -7.18 -13.51
CA LYS B 398 -5.52 -8.09 -14.19
C LYS B 398 -6.61 -7.35 -14.95
N ILE B 399 -7.16 -6.31 -14.34
CA ILE B 399 -8.21 -5.54 -14.98
C ILE B 399 -7.70 -4.79 -16.21
N ALA B 400 -6.61 -4.06 -16.02
CA ALA B 400 -5.99 -3.27 -17.07
C ALA B 400 -5.56 -4.16 -18.25
N VAL B 401 -4.87 -5.25 -17.97
CA VAL B 401 -4.41 -6.15 -19.06
C VAL B 401 -5.56 -6.83 -19.83
N THR B 402 -6.56 -7.29 -19.09
CA THR B 402 -7.75 -7.92 -19.68
C THR B 402 -8.47 -6.94 -20.63
N ARG B 403 -8.58 -5.68 -20.21
CA ARG B 403 -9.21 -4.65 -21.02
C ARG B 403 -8.32 -4.29 -22.24
N ALA B 404 -7.02 -4.14 -22.03
CA ALA B 404 -6.10 -3.82 -23.13
C ALA B 404 -6.11 -4.91 -24.22
N ILE B 405 -6.08 -6.19 -23.80
CA ILE B 405 -6.17 -7.33 -24.73
C ILE B 405 -7.50 -7.32 -25.47
N GLN B 406 -8.59 -7.07 -24.73
CA GLN B 406 -9.96 -6.99 -25.28
C GLN B 406 -10.13 -5.90 -26.35
N LYS B 407 -9.12 -5.03 -26.52
CA LYS B 407 -9.07 -4.00 -27.54
C LYS B 407 -8.29 -4.55 -28.74
N ILE B 408 -7.10 -5.08 -28.48
CA ILE B 408 -6.25 -5.67 -29.52
C ILE B 408 -6.67 -7.09 -29.89
#